data_3C0C
# 
_entry.id   3C0C 
# 
_audit_conform.dict_name       mmcif_pdbx.dic 
_audit_conform.dict_version    5.398 
_audit_conform.dict_location   http://mmcif.pdb.org/dictionaries/ascii/mmcif_pdbx.dic 
# 
loop_
_database_2.database_id 
_database_2.database_code 
_database_2.pdbx_database_accession 
_database_2.pdbx_DOI 
PDB   3C0C         pdb_00003c0c 10.2210/pdb3c0c/pdb 
RCSB  RCSB046181   ?            ?                   
WWPDB D_1000046181 ?            ?                   
# 
loop_
_pdbx_audit_revision_history.ordinal 
_pdbx_audit_revision_history.data_content_type 
_pdbx_audit_revision_history.major_revision 
_pdbx_audit_revision_history.minor_revision 
_pdbx_audit_revision_history.revision_date 
1 'Structure model' 1 0 2008-03-18 
2 'Structure model' 1 1 2011-07-13 
3 'Structure model' 1 2 2024-10-30 
# 
_pdbx_audit_revision_details.ordinal             1 
_pdbx_audit_revision_details.revision_ordinal    1 
_pdbx_audit_revision_details.data_content_type   'Structure model' 
_pdbx_audit_revision_details.provider            repository 
_pdbx_audit_revision_details.type                'Initial release' 
_pdbx_audit_revision_details.description         ? 
_pdbx_audit_revision_details.details             ? 
# 
loop_
_pdbx_audit_revision_group.ordinal 
_pdbx_audit_revision_group.revision_ordinal 
_pdbx_audit_revision_group.data_content_type 
_pdbx_audit_revision_group.group 
1 2 'Structure model' Advisory                    
2 2 'Structure model' 'Version format compliance' 
3 3 'Structure model' 'Data collection'           
4 3 'Structure model' 'Database references'       
5 3 'Structure model' 'Derived calculations'      
6 3 'Structure model' 'Structure summary'         
# 
loop_
_pdbx_audit_revision_category.ordinal 
_pdbx_audit_revision_category.revision_ordinal 
_pdbx_audit_revision_category.data_content_type 
_pdbx_audit_revision_category.category 
1 3 'Structure model' chem_comp_atom            
2 3 'Structure model' chem_comp_bond            
3 3 'Structure model' database_2                
4 3 'Structure model' pdbx_entry_details        
5 3 'Structure model' pdbx_modification_feature 
6 3 'Structure model' struct_conn               
7 3 'Structure model' struct_ref_seq_dif        
# 
loop_
_pdbx_audit_revision_item.ordinal 
_pdbx_audit_revision_item.revision_ordinal 
_pdbx_audit_revision_item.data_content_type 
_pdbx_audit_revision_item.item 
1 3 'Structure model' '_database_2.pdbx_DOI'                
2 3 'Structure model' '_database_2.pdbx_database_accession' 
3 3 'Structure model' '_struct_conn.pdbx_leaving_atom_flag' 
4 3 'Structure model' '_struct_ref_seq_dif.details'         
# 
_pdbx_database_status.entry_id                        3C0C 
_pdbx_database_status.deposit_site                    RCSB 
_pdbx_database_status.process_site                    RCSB 
_pdbx_database_status.recvd_initial_deposition_date   2008-01-19 
_pdbx_database_status.status_code                     REL 
_pdbx_database_status.status_code_sf                  REL 
_pdbx_database_status.status_code_mr                  ? 
_pdbx_database_status.SG_entry                        ? 
_pdbx_database_status.pdb_format_compatible           Y 
_pdbx_database_status.status_code_cs                  ? 
_pdbx_database_status.status_code_nmr_data            ? 
_pdbx_database_status.methods_development_category    ? 
# 
loop_
_audit_author.name 
_audit_author.pdbx_ordinal 
'Loll, P.J.' 1 
'Swain, E.'  2 
# 
_citation.id                        primary 
_citation.title                     'Crystal structure of the SH3 domain of rat endophilin A2' 
_citation.journal_abbrev            'To be Published' 
_citation.journal_volume            ? 
_citation.page_first                ? 
_citation.page_last                 ? 
_citation.year                      ? 
_citation.journal_id_ASTM           ? 
_citation.country                   ? 
_citation.journal_id_ISSN           ? 
_citation.journal_id_CSD            0353 
_citation.book_publisher            ? 
_citation.pdbx_database_id_PubMed   ? 
_citation.pdbx_database_id_DOI      ? 
# 
loop_
_citation_author.citation_id 
_citation_author.name 
_citation_author.ordinal 
_citation_author.identifier_ORCID 
primary 'Loll, P.J.'   1 ? 
primary 'Swain, E.'    2 ? 
primary 'Chen, Y.'     3 ? 
primary 'Turner, B.T.' 4 ? 
primary 'Zhang, J.'    5 ? 
# 
loop_
_entity.id 
_entity.type 
_entity.src_method 
_entity.pdbx_description 
_entity.formula_weight 
_entity.pdbx_number_of_molecules 
_entity.pdbx_ec 
_entity.pdbx_mutation 
_entity.pdbx_fragment 
_entity.details 
1 polymer man Endophilin-A2 8299.041 1  ? ? 'SH3 domain' ? 
2 water   nat water         18.015   81 ? ? ?            ? 
# 
_entity_name_com.entity_id   1 
_entity_name_com.name        
;Endophilin-2, SH3 domain-containing GRB2-like protein 1, SH3 domain protein 2B, Extra eleven-nineteen leukemia fusion gene protein, EEN, EEN fusion partner of MLL
;
# 
_entity_poly.entity_id                      1 
_entity_poly.type                           'polypeptide(L)' 
_entity_poly.nstd_linkage                   no 
_entity_poly.nstd_monomer                   yes 
_entity_poly.pdbx_seq_one_letter_code       'GAMDPEFMPPLDQPSCKALYDFEPENDGELGFREGDLITLTNQIDENWYEG(MSE)LHGQSGFFPLSYVQVLVPLPQ' 
_entity_poly.pdbx_seq_one_letter_code_can   GAMDPEFMPPLDQPSCKALYDFEPENDGELGFREGDLITLTNQIDENWYEGMLHGQSGFFPLSYVQVLVPLPQ 
_entity_poly.pdbx_strand_id                 A 
_entity_poly.pdbx_target_identifier         ? 
# 
_pdbx_entity_nonpoly.entity_id   2 
_pdbx_entity_nonpoly.name        water 
_pdbx_entity_nonpoly.comp_id     HOH 
# 
loop_
_entity_poly_seq.entity_id 
_entity_poly_seq.num 
_entity_poly_seq.mon_id 
_entity_poly_seq.hetero 
1 1  GLY n 
1 2  ALA n 
1 3  MET n 
1 4  ASP n 
1 5  PRO n 
1 6  GLU n 
1 7  PHE n 
1 8  MET n 
1 9  PRO n 
1 10 PRO n 
1 11 LEU n 
1 12 ASP n 
1 13 GLN n 
1 14 PRO n 
1 15 SER n 
1 16 CYS n 
1 17 LYS n 
1 18 ALA n 
1 19 LEU n 
1 20 TYR n 
1 21 ASP n 
1 22 PHE n 
1 23 GLU n 
1 24 PRO n 
1 25 GLU n 
1 26 ASN n 
1 27 ASP n 
1 28 GLY n 
1 29 GLU n 
1 30 LEU n 
1 31 GLY n 
1 32 PHE n 
1 33 ARG n 
1 34 GLU n 
1 35 GLY n 
1 36 ASP n 
1 37 LEU n 
1 38 ILE n 
1 39 THR n 
1 40 LEU n 
1 41 THR n 
1 42 ASN n 
1 43 GLN n 
1 44 ILE n 
1 45 ASP n 
1 46 GLU n 
1 47 ASN n 
1 48 TRP n 
1 49 TYR n 
1 50 GLU n 
1 51 GLY n 
1 52 MSE n 
1 53 LEU n 
1 54 HIS n 
1 55 GLY n 
1 56 GLN n 
1 57 SER n 
1 58 GLY n 
1 59 PHE n 
1 60 PHE n 
1 61 PRO n 
1 62 LEU n 
1 63 SER n 
1 64 TYR n 
1 65 VAL n 
1 66 GLN n 
1 67 VAL n 
1 68 LEU n 
1 69 VAL n 
1 70 PRO n 
1 71 LEU n 
1 72 PRO n 
1 73 GLN n 
# 
_entity_src_gen.entity_id                          1 
_entity_src_gen.pdbx_src_id                        1 
_entity_src_gen.pdbx_alt_source_flag               sample 
_entity_src_gen.pdbx_seq_type                      ? 
_entity_src_gen.pdbx_beg_seq_num                   ? 
_entity_src_gen.pdbx_end_seq_num                   ? 
_entity_src_gen.gene_src_common_name               'Norway rat' 
_entity_src_gen.gene_src_genus                     Rattus 
_entity_src_gen.pdbx_gene_src_gene                 'Sh3gl1, Sh3p8' 
_entity_src_gen.gene_src_species                   ? 
_entity_src_gen.gene_src_strain                    ? 
_entity_src_gen.gene_src_tissue                    ? 
_entity_src_gen.gene_src_tissue_fraction           ? 
_entity_src_gen.gene_src_details                   ? 
_entity_src_gen.pdbx_gene_src_fragment             ? 
_entity_src_gen.pdbx_gene_src_scientific_name      'Rattus norvegicus' 
_entity_src_gen.pdbx_gene_src_ncbi_taxonomy_id     10116 
_entity_src_gen.pdbx_gene_src_variant              ? 
_entity_src_gen.pdbx_gene_src_cell_line            ? 
_entity_src_gen.pdbx_gene_src_atcc                 ? 
_entity_src_gen.pdbx_gene_src_organ                ? 
_entity_src_gen.pdbx_gene_src_organelle            ? 
_entity_src_gen.pdbx_gene_src_cell                 ? 
_entity_src_gen.pdbx_gene_src_cellular_location    ? 
_entity_src_gen.host_org_common_name               ? 
_entity_src_gen.pdbx_host_org_scientific_name      'Escherichia coli BL21(DE3)' 
_entity_src_gen.pdbx_host_org_ncbi_taxonomy_id     469008 
_entity_src_gen.host_org_genus                     Escherichia 
_entity_src_gen.pdbx_host_org_gene                 ? 
_entity_src_gen.pdbx_host_org_organ                ? 
_entity_src_gen.host_org_species                   'Escherichia coli' 
_entity_src_gen.pdbx_host_org_tissue               ? 
_entity_src_gen.pdbx_host_org_tissue_fraction      ? 
_entity_src_gen.pdbx_host_org_strain               'BL21 (DE3)' 
_entity_src_gen.pdbx_host_org_variant              ? 
_entity_src_gen.pdbx_host_org_cell_line            ? 
_entity_src_gen.pdbx_host_org_atcc                 ? 
_entity_src_gen.pdbx_host_org_culture_collection   ? 
_entity_src_gen.pdbx_host_org_cell                 ? 
_entity_src_gen.pdbx_host_org_organelle            ? 
_entity_src_gen.pdbx_host_org_cellular_location    ? 
_entity_src_gen.pdbx_host_org_vector_type          plasmid 
_entity_src_gen.pdbx_host_org_vector               ? 
_entity_src_gen.host_org_details                   ? 
_entity_src_gen.expression_system_id               ? 
_entity_src_gen.plasmid_name                       GST-parallel 
_entity_src_gen.plasmid_details                    ? 
_entity_src_gen.pdbx_description                   ? 
# 
loop_
_chem_comp.id 
_chem_comp.type 
_chem_comp.mon_nstd_flag 
_chem_comp.name 
_chem_comp.pdbx_synonyms 
_chem_comp.formula 
_chem_comp.formula_weight 
ALA 'L-peptide linking' y ALANINE          ? 'C3 H7 N O2'     89.093  
ARG 'L-peptide linking' y ARGININE         ? 'C6 H15 N4 O2 1' 175.209 
ASN 'L-peptide linking' y ASPARAGINE       ? 'C4 H8 N2 O3'    132.118 
ASP 'L-peptide linking' y 'ASPARTIC ACID'  ? 'C4 H7 N O4'     133.103 
CYS 'L-peptide linking' y CYSTEINE         ? 'C3 H7 N O2 S'   121.158 
GLN 'L-peptide linking' y GLUTAMINE        ? 'C5 H10 N2 O3'   146.144 
GLU 'L-peptide linking' y 'GLUTAMIC ACID'  ? 'C5 H9 N O4'     147.129 
GLY 'peptide linking'   y GLYCINE          ? 'C2 H5 N O2'     75.067  
HIS 'L-peptide linking' y HISTIDINE        ? 'C6 H10 N3 O2 1' 156.162 
HOH non-polymer         . WATER            ? 'H2 O'           18.015  
ILE 'L-peptide linking' y ISOLEUCINE       ? 'C6 H13 N O2'    131.173 
LEU 'L-peptide linking' y LEUCINE          ? 'C6 H13 N O2'    131.173 
LYS 'L-peptide linking' y LYSINE           ? 'C6 H15 N2 O2 1' 147.195 
MET 'L-peptide linking' y METHIONINE       ? 'C5 H11 N O2 S'  149.211 
MSE 'L-peptide linking' n SELENOMETHIONINE ? 'C5 H11 N O2 Se' 196.106 
PHE 'L-peptide linking' y PHENYLALANINE    ? 'C9 H11 N O2'    165.189 
PRO 'L-peptide linking' y PROLINE          ? 'C5 H9 N O2'     115.130 
SER 'L-peptide linking' y SERINE           ? 'C3 H7 N O3'     105.093 
THR 'L-peptide linking' y THREONINE        ? 'C4 H9 N O3'     119.119 
TRP 'L-peptide linking' y TRYPTOPHAN       ? 'C11 H12 N2 O2'  204.225 
TYR 'L-peptide linking' y TYROSINE         ? 'C9 H11 N O3'    181.189 
VAL 'L-peptide linking' y VALINE           ? 'C5 H11 N O2'    117.146 
# 
loop_
_pdbx_poly_seq_scheme.asym_id 
_pdbx_poly_seq_scheme.entity_id 
_pdbx_poly_seq_scheme.seq_id 
_pdbx_poly_seq_scheme.mon_id 
_pdbx_poly_seq_scheme.ndb_seq_num 
_pdbx_poly_seq_scheme.pdb_seq_num 
_pdbx_poly_seq_scheme.auth_seq_num 
_pdbx_poly_seq_scheme.pdb_mon_id 
_pdbx_poly_seq_scheme.auth_mon_id 
_pdbx_poly_seq_scheme.pdb_strand_id 
_pdbx_poly_seq_scheme.pdb_ins_code 
_pdbx_poly_seq_scheme.hetero 
A 1 1  GLY 1  296 ?   ?   ?   A . n 
A 1 2  ALA 2  297 ?   ?   ?   A . n 
A 1 3  MET 3  298 ?   ?   ?   A . n 
A 1 4  ASP 4  299 ?   ?   ?   A . n 
A 1 5  PRO 5  300 ?   ?   ?   A . n 
A 1 6  GLU 6  301 ?   ?   ?   A . n 
A 1 7  PHE 7  302 ?   ?   ?   A . n 
A 1 8  MET 8  303 ?   ?   ?   A . n 
A 1 9  PRO 9  304 ?   ?   ?   A . n 
A 1 10 PRO 10 305 305 PRO PRO A . n 
A 1 11 LEU 11 306 306 LEU LEU A . n 
A 1 12 ASP 12 307 307 ASP ASP A . n 
A 1 13 GLN 13 308 308 GLN GLN A . n 
A 1 14 PRO 14 309 309 PRO PRO A . n 
A 1 15 SER 15 310 310 SER SER A . n 
A 1 16 CYS 16 311 311 CYS CYS A . n 
A 1 17 LYS 17 312 312 LYS LYS A . n 
A 1 18 ALA 18 313 313 ALA ALA A . n 
A 1 19 LEU 19 314 314 LEU LEU A . n 
A 1 20 TYR 20 315 315 TYR TYR A . n 
A 1 21 ASP 21 316 316 ASP ASP A . n 
A 1 22 PHE 22 317 317 PHE PHE A . n 
A 1 23 GLU 23 318 318 GLU GLU A . n 
A 1 24 PRO 24 319 319 PRO PRO A . n 
A 1 25 GLU 25 320 320 GLU GLU A . n 
A 1 26 ASN 26 321 321 ASN ASN A . n 
A 1 27 ASP 27 322 322 ASP ASP A . n 
A 1 28 GLY 28 323 323 GLY GLY A . n 
A 1 29 GLU 29 324 324 GLU GLU A . n 
A 1 30 LEU 30 325 325 LEU LEU A . n 
A 1 31 GLY 31 326 326 GLY GLY A . n 
A 1 32 PHE 32 327 327 PHE PHE A . n 
A 1 33 ARG 33 328 328 ARG ARG A . n 
A 1 34 GLU 34 329 329 GLU GLU A . n 
A 1 35 GLY 35 330 330 GLY GLY A . n 
A 1 36 ASP 36 331 331 ASP ASP A . n 
A 1 37 LEU 37 332 332 LEU LEU A . n 
A 1 38 ILE 38 333 333 ILE ILE A . n 
A 1 39 THR 39 334 334 THR THR A . n 
A 1 40 LEU 40 335 335 LEU LEU A . n 
A 1 41 THR 41 336 336 THR THR A . n 
A 1 42 ASN 42 337 337 ASN ASN A . n 
A 1 43 GLN 43 338 338 GLN GLN A . n 
A 1 44 ILE 44 339 339 ILE ILE A . n 
A 1 45 ASP 45 340 340 ASP ASP A . n 
A 1 46 GLU 46 341 341 GLU GLU A . n 
A 1 47 ASN 47 342 342 ASN ASN A . n 
A 1 48 TRP 48 343 343 TRP TRP A . n 
A 1 49 TYR 49 344 344 TYR TYR A . n 
A 1 50 GLU 50 345 345 GLU GLU A . n 
A 1 51 GLY 51 346 346 GLY GLY A . n 
A 1 52 MSE 52 347 347 MSE MSE A . n 
A 1 53 LEU 53 348 348 LEU LEU A . n 
A 1 54 HIS 54 349 349 HIS HIS A . n 
A 1 55 GLY 55 350 350 GLY GLY A . n 
A 1 56 GLN 56 351 351 GLN GLN A . n 
A 1 57 SER 57 352 352 SER SER A . n 
A 1 58 GLY 58 353 353 GLY GLY A . n 
A 1 59 PHE 59 354 354 PHE PHE A . n 
A 1 60 PHE 60 355 355 PHE PHE A . n 
A 1 61 PRO 61 356 356 PRO PRO A . n 
A 1 62 LEU 62 357 357 LEU LEU A . n 
A 1 63 SER 63 358 358 SER SER A . n 
A 1 64 TYR 64 359 359 TYR TYR A . n 
A 1 65 VAL 65 360 360 VAL VAL A . n 
A 1 66 GLN 66 361 361 GLN GLN A . n 
A 1 67 VAL 67 362 362 VAL VAL A . n 
A 1 68 LEU 68 363 363 LEU LEU A . n 
A 1 69 VAL 69 364 364 VAL VAL A . n 
A 1 70 PRO 70 365 365 PRO PRO A . n 
A 1 71 LEU 71 366 366 LEU LEU A . n 
A 1 72 PRO 72 367 367 PRO PRO A . n 
A 1 73 GLN 73 368 368 GLN GLN A . n 
# 
loop_
_pdbx_nonpoly_scheme.asym_id 
_pdbx_nonpoly_scheme.entity_id 
_pdbx_nonpoly_scheme.mon_id 
_pdbx_nonpoly_scheme.ndb_seq_num 
_pdbx_nonpoly_scheme.pdb_seq_num 
_pdbx_nonpoly_scheme.auth_seq_num 
_pdbx_nonpoly_scheme.pdb_mon_id 
_pdbx_nonpoly_scheme.auth_mon_id 
_pdbx_nonpoly_scheme.pdb_strand_id 
_pdbx_nonpoly_scheme.pdb_ins_code 
B 2 HOH 1  1  1  HOH HOH A . 
B 2 HOH 2  2  2  HOH HOH A . 
B 2 HOH 3  3  3  HOH HOH A . 
B 2 HOH 4  4  4  HOH HOH A . 
B 2 HOH 5  5  5  HOH HOH A . 
B 2 HOH 6  6  6  HOH HOH A . 
B 2 HOH 7  7  7  HOH HOH A . 
B 2 HOH 8  8  8  HOH HOH A . 
B 2 HOH 9  9  9  HOH HOH A . 
B 2 HOH 10 10 10 HOH HOH A . 
B 2 HOH 11 11 11 HOH HOH A . 
B 2 HOH 12 12 12 HOH HOH A . 
B 2 HOH 13 13 13 HOH HOH A . 
B 2 HOH 14 14 14 HOH HOH A . 
B 2 HOH 15 15 15 HOH HOH A . 
B 2 HOH 16 16 16 HOH HOH A . 
B 2 HOH 17 17 17 HOH HOH A . 
B 2 HOH 18 18 18 HOH HOH A . 
B 2 HOH 19 19 19 HOH HOH A . 
B 2 HOH 20 20 20 HOH HOH A . 
B 2 HOH 21 21 21 HOH HOH A . 
B 2 HOH 22 22 22 HOH HOH A . 
B 2 HOH 23 23 23 HOH HOH A . 
B 2 HOH 24 24 24 HOH HOH A . 
B 2 HOH 25 25 25 HOH HOH A . 
B 2 HOH 26 26 26 HOH HOH A . 
B 2 HOH 27 27 27 HOH HOH A . 
B 2 HOH 28 28 28 HOH HOH A . 
B 2 HOH 29 29 29 HOH HOH A . 
B 2 HOH 30 30 30 HOH HOH A . 
B 2 HOH 31 31 31 HOH HOH A . 
B 2 HOH 32 32 32 HOH HOH A . 
B 2 HOH 33 33 33 HOH HOH A . 
B 2 HOH 34 34 34 HOH HOH A . 
B 2 HOH 35 35 35 HOH HOH A . 
B 2 HOH 36 36 36 HOH HOH A . 
B 2 HOH 37 37 37 HOH HOH A . 
B 2 HOH 38 38 38 HOH HOH A . 
B 2 HOH 39 39 39 HOH HOH A . 
B 2 HOH 40 40 40 HOH HOH A . 
B 2 HOH 41 41 41 HOH HOH A . 
B 2 HOH 42 42 42 HOH HOH A . 
B 2 HOH 43 43 43 HOH HOH A . 
B 2 HOH 44 44 44 HOH HOH A . 
B 2 HOH 45 45 45 HOH HOH A . 
B 2 HOH 46 46 46 HOH HOH A . 
B 2 HOH 47 47 47 HOH HOH A . 
B 2 HOH 48 48 48 HOH HOH A . 
B 2 HOH 49 49 49 HOH HOH A . 
B 2 HOH 50 50 50 HOH HOH A . 
B 2 HOH 51 51 51 HOH HOH A . 
B 2 HOH 52 52 52 HOH HOH A . 
B 2 HOH 53 53 53 HOH HOH A . 
B 2 HOH 54 54 54 HOH HOH A . 
B 2 HOH 55 55 55 HOH HOH A . 
B 2 HOH 56 56 56 HOH HOH A . 
B 2 HOH 57 57 57 HOH HOH A . 
B 2 HOH 58 58 58 HOH HOH A . 
B 2 HOH 59 59 59 HOH HOH A . 
B 2 HOH 60 60 60 HOH HOH A . 
B 2 HOH 61 61 61 HOH HOH A . 
B 2 HOH 62 62 62 HOH HOH A . 
B 2 HOH 63 63 63 HOH HOH A . 
B 2 HOH 64 64 64 HOH HOH A . 
B 2 HOH 65 65 65 HOH HOH A . 
B 2 HOH 66 66 66 HOH HOH A . 
B 2 HOH 67 67 67 HOH HOH A . 
B 2 HOH 68 68 68 HOH HOH A . 
B 2 HOH 69 69 69 HOH HOH A . 
B 2 HOH 70 70 70 HOH HOH A . 
B 2 HOH 71 71 71 HOH HOH A . 
B 2 HOH 72 72 72 HOH HOH A . 
B 2 HOH 73 73 73 HOH HOH A . 
B 2 HOH 74 74 74 HOH HOH A . 
B 2 HOH 75 75 75 HOH HOH A . 
B 2 HOH 76 76 76 HOH HOH A . 
B 2 HOH 77 77 77 HOH HOH A . 
B 2 HOH 78 78 78 HOH HOH A . 
B 2 HOH 79 79 79 HOH HOH A . 
B 2 HOH 80 80 80 HOH HOH A . 
B 2 HOH 81 81 81 HOH HOH A . 
# 
loop_
_software.name 
_software.version 
_software.date 
_software.type 
_software.contact_author 
_software.contact_author_email 
_software.classification 
_software.location 
_software.language 
_software.citation_id 
_software.pdbx_ordinal 
d*TREK      8.0L  'May 8 2003'         package 'Pflugrath, J.W.' jwp@RigakuMSC.com        'data scaling'    
http://www.msc.com/protein/dtrek.html ?          ? 1 
REFMAC      .     ?                    program 'Murshudov, G.N.' ccp4@dl.ac.uk            refinement        
http://www.ccp4.ac.uk/main.html       Fortran_77 ? 2 
PDB_EXTRACT 3.004 'September 10, 2007' package PDB               sw-help@rcsb.rutgers.edu 'data extraction' 
http://pdb.rutgers.edu/software/      C++        ? 3 
# 
_cell.length_a           64.970 
_cell.length_b           64.970 
_cell.length_c           41.270 
_cell.angle_alpha        90.000 
_cell.angle_beta         90.000 
_cell.angle_gamma        90.000 
_cell.entry_id           3C0C 
_cell.pdbx_unique_axis   ? 
_cell.Z_PDB              8 
_cell.length_a_esd       ? 
_cell.length_b_esd       ? 
_cell.length_c_esd       ? 
_cell.angle_alpha_esd    ? 
_cell.angle_beta_esd     ? 
_cell.angle_gamma_esd    ? 
# 
_symmetry.space_group_name_H-M             'P 43 21 2' 
_symmetry.entry_id                         3C0C 
_symmetry.Int_Tables_number                96 
_symmetry.pdbx_full_space_group_name_H-M   ? 
_symmetry.cell_setting                     ? 
_symmetry.space_group_name_Hall            ? 
# 
_exptl.crystals_number   1 
_exptl.entry_id          3C0C 
_exptl.method            'X-RAY DIFFRACTION' 
# 
_exptl_crystal.id                    1 
_exptl_crystal.density_Matthews      2.62 
_exptl_crystal.density_meas          ? 
_exptl_crystal.density_percent_sol   53.12 
_exptl_crystal.description           ? 
_exptl_crystal.F_000                 ? 
_exptl_crystal.preparation           ? 
# 
_exptl_crystal_grow.crystal_id      1 
_exptl_crystal_grow.method          'hanging drop vapor diffusion' 
_exptl_crystal_grow.pH              6.5 
_exptl_crystal_grow.temp            277 
_exptl_crystal_grow.pdbx_details    '1.9 M magnesium sulfate, 0.1 M MES, pH 6.5, hanging drop vapor diffusion, temperature 277K' 
_exptl_crystal_grow.temp_details    ? 
_exptl_crystal_grow.pdbx_pH_range   . 
# 
_diffrn.id                     1 
_diffrn.ambient_temp           100 
_diffrn.ambient_temp_details   ? 
_diffrn.crystal_id             1 
# 
_diffrn_detector.diffrn_id              1 
_diffrn_detector.detector               CCD 
_diffrn_detector.type                   'ADSC QUANTUM 4' 
_diffrn_detector.pdbx_collection_date   2004-04-15 
_diffrn_detector.details                ? 
# 
_diffrn_radiation.diffrn_id                        1 
_diffrn_radiation.pdbx_diffrn_protocol             MAD 
_diffrn_radiation.monochromator                    ? 
_diffrn_radiation.wavelength_id                    1 
_diffrn_radiation.pdbx_monochromatic_or_laue_m_l   M 
_diffrn_radiation.pdbx_scattering_type             x-ray 
# 
loop_
_diffrn_radiation_wavelength.id 
_diffrn_radiation_wavelength.wavelength 
_diffrn_radiation_wavelength.wt 
1 0.9000 1.0 
2 0.9795 1.0 
3 0.9798 1.0 
# 
_diffrn_source.diffrn_id                   1 
_diffrn_source.source                      SYNCHROTRON 
_diffrn_source.type                        'NSLS BEAMLINE X8C' 
_diffrn_source.pdbx_wavelength_list        '0.9000, 0.9795, 0.9798' 
_diffrn_source.pdbx_wavelength             ? 
_diffrn_source.pdbx_synchrotron_site       NSLS 
_diffrn_source.pdbx_synchrotron_beamline   X8C 
# 
_reflns.entry_id                     3C0C 
_reflns.d_resolution_high            1.410 
_reflns.d_resolution_low             34.890 
_reflns.number_obs                   13188 
_reflns.pdbx_scaling_rejects         1668 
_reflns.pdbx_Rmerge_I_obs            0.081 
_reflns.pdbx_netI_over_sigmaI        11.000 
_reflns.pdbx_chi_squared             0.920 
_reflns.pdbx_redundancy              9.040 
_reflns.percent_possible_obs         75.200 
_reflns.observed_criterion_sigma_F   ? 
_reflns.observed_criterion_sigma_I   ? 
_reflns.number_all                   ? 
_reflns.pdbx_Rsym_value              ? 
_reflns.B_iso_Wilson_estimate        ? 
_reflns.R_free_details               ? 
_reflns.limit_h_max                  ? 
_reflns.limit_h_min                  ? 
_reflns.limit_k_max                  ? 
_reflns.limit_k_min                  ? 
_reflns.limit_l_max                  ? 
_reflns.limit_l_min                  ? 
_reflns.observed_criterion_F_max     ? 
_reflns.observed_criterion_F_min     ? 
_reflns.pdbx_ordinal                 1 
_reflns.pdbx_diffrn_id               1 
# 
loop_
_reflns_shell.d_res_high 
_reflns_shell.d_res_low 
_reflns_shell.number_measured_obs 
_reflns_shell.number_measured_all 
_reflns_shell.number_unique_obs 
_reflns_shell.Rmerge_I_obs 
_reflns_shell.meanI_over_sigI_obs 
_reflns_shell.pdbx_Rsym_value 
_reflns_shell.pdbx_chi_squared 
_reflns_shell.pdbx_redundancy 
_reflns_shell.percent_possible_obs 
_reflns_shell.number_unique_all 
_reflns_shell.percent_possible_all 
_reflns_shell.pdbx_ordinal 
_reflns_shell.pdbx_diffrn_id 
1.41 1.46  ? 280   ? 0.620 0.7  ? 1.750 1.23  ? 226  13.30 1  1 
1.46 1.52  ? 1239  ? 0.686 0.5  ? 1.600 1.81  ? 677  39.40 2  1 
1.52 1.59  ? 3129  ? 0.717 0.6  ? 1.390 2.88  ? 1056 61.00 3  1 
1.59 1.68  ? 5697  ? 0.666 1.0  ? 1.540 4.14  ? 1356 78.30 4  1 
1.68 1.78  ? 9128  ? 0.602 1.5  ? 1.470 5.73  ? 1550 90.10 5  1 
1.78 1.92  ? 15066 ? 0.495 2.8  ? 1.360 9.00  ? 1657 95.20 6  1 
1.92 2.11  ? 21263 ? 0.306 5.2  ? 1.120 12.53 ? 1666 95.60 7  1 
2.11 2.42  ? 21727 ? 0.179 7.7  ? 0.750 12.87 ? 1669 94.30 8  1 
2.42 3.04  ? 21609 ? 0.095 13.0 ? 0.630 12.94 ? 1650 92.50 9  1 
3.04 34.89 ? 21718 ? 0.039 32.4 ? 0.470 12.81 ? 1681 88.30 10 1 
# 
_refine.entry_id                                 3C0C 
_refine.ls_d_res_high                            1.700 
_refine.ls_d_res_low                             25.000 
_refine.pdbx_ls_sigma_F                          0.00 
_refine.ls_percent_reflns_obs                    92.500 
_refine.ls_number_reflns_obs                     9419 
_refine.pdbx_ls_cross_valid_method               THROUGHOUT 
_refine.pdbx_R_Free_selection_details            RANDOM 
_refine.details                                  'HYDROGENS HAVE BEEN ADDED IN THE RIDING POSITIONS' 
_refine.ls_R_factor_obs                          0.197 
_refine.ls_R_factor_R_work                       0.196 
_refine.ls_R_factor_R_free                       0.217 
_refine.ls_percent_reflns_R_free                 4.600 
_refine.ls_number_reflns_R_free                  433 
_refine.B_iso_mean                               41.328 
_refine.aniso_B[1][1]                            -0.910 
_refine.aniso_B[2][2]                            -0.910 
_refine.aniso_B[3][3]                            1.820 
_refine.aniso_B[1][2]                            0.000 
_refine.aniso_B[1][3]                            0.000 
_refine.aniso_B[2][3]                            0.000 
_refine.correlation_coeff_Fo_to_Fc               0.958 
_refine.correlation_coeff_Fo_to_Fc_free          0.956 
_refine.pdbx_overall_ESU_R                       0.106 
_refine.pdbx_overall_ESU_R_Free                  0.100 
_refine.overall_SU_ML                            0.071 
_refine.overall_SU_B                             4.207 
_refine.solvent_model_details                    'BABINET MODEL WITH MASK' 
_refine.pdbx_solvent_vdw_probe_radii             1.200 
_refine.pdbx_solvent_ion_probe_radii             0.800 
_refine.pdbx_solvent_shrinkage_radii             0.800 
_refine.pdbx_method_to_determine_struct          ? 
_refine.pdbx_stereochemistry_target_values       'MAXIMUM LIKELIHOOD' 
_refine.pdbx_ls_sigma_I                          ? 
_refine.ls_number_reflns_all                     ? 
_refine.ls_R_factor_all                          ? 
_refine.ls_redundancy_reflns_obs                 ? 
_refine.pdbx_data_cutoff_high_absF               ? 
_refine.pdbx_data_cutoff_low_absF                ? 
_refine.ls_number_parameters                     ? 
_refine.ls_number_restraints                     ? 
_refine.ls_R_factor_R_free_error                 ? 
_refine.ls_R_factor_R_free_error_details         ? 
_refine.pdbx_starting_model                      ? 
_refine.pdbx_stereochem_target_val_spec_case     ? 
_refine.solvent_model_param_bsol                 ? 
_refine.solvent_model_param_ksol                 ? 
_refine.occupancy_max                            ? 
_refine.occupancy_min                            ? 
_refine.pdbx_isotropic_thermal_model             ? 
_refine.B_iso_min                                ? 
_refine.B_iso_max                                ? 
_refine.overall_SU_R_Cruickshank_DPI             ? 
_refine.overall_SU_R_free                        ? 
_refine.pdbx_data_cutoff_high_rms_absF           ? 
_refine.ls_wR_factor_R_free                      ? 
_refine.ls_wR_factor_R_work                      ? 
_refine.overall_FOM_free_R_set                   ? 
_refine.overall_FOM_work_R_set                   ? 
_refine.pdbx_overall_phase_error                 ? 
_refine.pdbx_refine_id                           'X-RAY DIFFRACTION' 
_refine.pdbx_TLS_residual_ADP_flag               'LIKELY RESIDUAL' 
_refine.pdbx_diffrn_id                           1 
_refine.pdbx_overall_SU_R_free_Cruickshank_DPI   ? 
_refine.pdbx_overall_SU_R_Blow_DPI               ? 
_refine.pdbx_overall_SU_R_free_Blow_DPI          ? 
# 
_refine_hist.pdbx_refine_id                   'X-RAY DIFFRACTION' 
_refine_hist.cycle_id                         LAST 
_refine_hist.pdbx_number_atoms_protein        514 
_refine_hist.pdbx_number_atoms_nucleic_acid   0 
_refine_hist.pdbx_number_atoms_ligand         0 
_refine_hist.number_atoms_solvent             81 
_refine_hist.number_atoms_total               595 
_refine_hist.d_res_high                       1.700 
_refine_hist.d_res_low                        25.000 
# 
loop_
_refine_ls_restr.type 
_refine_ls_restr.number 
_refine_ls_restr.dev_ideal 
_refine_ls_restr.dev_ideal_target 
_refine_ls_restr.weight 
_refine_ls_restr.pdbx_refine_id 
_refine_ls_restr.pdbx_restraint_function 
r_bond_refined_d       539 0.012  0.022  ? 'X-RAY DIFFRACTION' ? 
r_angle_refined_deg    736 1.400  1.977  ? 'X-RAY DIFFRACTION' ? 
r_dihedral_angle_1_deg 65  6.427  5.000  ? 'X-RAY DIFFRACTION' ? 
r_dihedral_angle_2_deg 30  33.783 26.333 ? 'X-RAY DIFFRACTION' ? 
r_dihedral_angle_3_deg 82  12.062 15.000 ? 'X-RAY DIFFRACTION' ? 
r_dihedral_angle_4_deg 1   13.402 15.000 ? 'X-RAY DIFFRACTION' ? 
r_chiral_restr         75  0.093  0.200  ? 'X-RAY DIFFRACTION' ? 
r_gen_planes_refined   437 0.006  0.021  ? 'X-RAY DIFFRACTION' ? 
r_mcbond_it            326 0.724  1.500  ? 'X-RAY DIFFRACTION' ? 
r_mcangle_it           527 1.290  2.000  ? 'X-RAY DIFFRACTION' ? 
r_scbond_it            213 2.142  3.000  ? 'X-RAY DIFFRACTION' ? 
r_scangle_it           209 3.533  4.500  ? 'X-RAY DIFFRACTION' ? 
# 
_refine_ls_shell.d_res_high                       1.700 
_refine_ls_shell.d_res_low                        1.744 
_refine_ls_shell.pdbx_total_number_of_bins_used   20 
_refine_ls_shell.percent_reflns_obs               89.950 
_refine_ls_shell.number_reflns_R_work             637 
_refine_ls_shell.R_factor_all                     ? 
_refine_ls_shell.R_factor_R_work                  0.299 
_refine_ls_shell.R_factor_R_free                  0.290 
_refine_ls_shell.percent_reflns_R_free            ? 
_refine_ls_shell.number_reflns_R_free             25 
_refine_ls_shell.R_factor_R_free_error            ? 
_refine_ls_shell.number_reflns_all                662 
_refine_ls_shell.number_reflns_obs                ? 
_refine_ls_shell.redundancy_reflns_obs            ? 
_refine_ls_shell.pdbx_refine_id                   'X-RAY DIFFRACTION' 
# 
_struct.entry_id                  3C0C 
_struct.title                     'X-ray Crystal Structure of the Rat Endophilin A2 SH3 Domain' 
_struct.pdbx_model_details        ? 
_struct.pdbx_CASP_flag            ? 
_struct.pdbx_model_type_details   ? 
# 
_struct_keywords.entry_id        3C0C 
_struct_keywords.text            
'endocytosis, SH3, voltage-gated calcium channel, Endosome, Lipid-binding, Membrane, Phosphoprotein, Proto-oncogene, SH3 domain' 
_struct_keywords.pdbx_keywords   ENDOCYTOSIS 
# 
loop_
_struct_asym.id 
_struct_asym.pdbx_blank_PDB_chainid_flag 
_struct_asym.pdbx_modified 
_struct_asym.entity_id 
_struct_asym.details 
A N N 1 ? 
B N N 2 ? 
# 
_struct_ref.id                         1 
_struct_ref.db_name                    UNP 
_struct_ref.db_code                    SH3G1_RAT 
_struct_ref.pdbx_db_accession          O35964 
_struct_ref.entity_id                  1 
_struct_ref.pdbx_seq_one_letter_code   MPPLDQPSCKALYDFEPENDGELGFREGDLITLTNQIDENWYEGMLHGQSGFFPLSYVQVLVPLPQ 
_struct_ref.pdbx_align_begin           303 
_struct_ref.pdbx_db_isoform            ? 
# 
_struct_ref_seq.align_id                      1 
_struct_ref_seq.ref_id                        1 
_struct_ref_seq.pdbx_PDB_id_code              3C0C 
_struct_ref_seq.pdbx_strand_id                A 
_struct_ref_seq.seq_align_beg                 8 
_struct_ref_seq.pdbx_seq_align_beg_ins_code   ? 
_struct_ref_seq.seq_align_end                 73 
_struct_ref_seq.pdbx_seq_align_end_ins_code   ? 
_struct_ref_seq.pdbx_db_accession             O35964 
_struct_ref_seq.db_align_beg                  303 
_struct_ref_seq.pdbx_db_align_beg_ins_code    ? 
_struct_ref_seq.db_align_end                  368 
_struct_ref_seq.pdbx_db_align_end_ins_code    ? 
_struct_ref_seq.pdbx_auth_seq_align_beg       303 
_struct_ref_seq.pdbx_auth_seq_align_end       368 
# 
loop_
_struct_ref_seq_dif.align_id 
_struct_ref_seq_dif.pdbx_pdb_id_code 
_struct_ref_seq_dif.mon_id 
_struct_ref_seq_dif.pdbx_pdb_strand_id 
_struct_ref_seq_dif.seq_num 
_struct_ref_seq_dif.pdbx_pdb_ins_code 
_struct_ref_seq_dif.pdbx_seq_db_name 
_struct_ref_seq_dif.pdbx_seq_db_accession_code 
_struct_ref_seq_dif.db_mon_id 
_struct_ref_seq_dif.pdbx_seq_db_seq_num 
_struct_ref_seq_dif.details 
_struct_ref_seq_dif.pdbx_auth_seq_num 
_struct_ref_seq_dif.pdbx_ordinal 
1 3C0C GLY A 1 ? UNP O35964 ? ? 'expression tag' 296 1 
1 3C0C ALA A 2 ? UNP O35964 ? ? 'expression tag' 297 2 
1 3C0C MET A 3 ? UNP O35964 ? ? 'expression tag' 298 3 
1 3C0C ASP A 4 ? UNP O35964 ? ? 'expression tag' 299 4 
1 3C0C PRO A 5 ? UNP O35964 ? ? 'expression tag' 300 5 
1 3C0C GLU A 6 ? UNP O35964 ? ? 'expression tag' 301 6 
1 3C0C PHE A 7 ? UNP O35964 ? ? 'expression tag' 302 7 
# 
_pdbx_struct_assembly.id                   1 
_pdbx_struct_assembly.details              author_and_software_defined_assembly 
_pdbx_struct_assembly.method_details       PISA 
_pdbx_struct_assembly.oligomeric_details   monomeric 
_pdbx_struct_assembly.oligomeric_count     1 
# 
_pdbx_struct_assembly_gen.assembly_id       1 
_pdbx_struct_assembly_gen.oper_expression   1 
_pdbx_struct_assembly_gen.asym_id_list      A,B 
# 
_pdbx_struct_oper_list.id                   1 
_pdbx_struct_oper_list.type                 'identity operation' 
_pdbx_struct_oper_list.name                 1_555 
_pdbx_struct_oper_list.symmetry_operation   x,y,z 
_pdbx_struct_oper_list.matrix[1][1]         1.0000000000 
_pdbx_struct_oper_list.matrix[1][2]         0.0000000000 
_pdbx_struct_oper_list.matrix[1][3]         0.0000000000 
_pdbx_struct_oper_list.vector[1]            0.0000000000 
_pdbx_struct_oper_list.matrix[2][1]         0.0000000000 
_pdbx_struct_oper_list.matrix[2][2]         1.0000000000 
_pdbx_struct_oper_list.matrix[2][3]         0.0000000000 
_pdbx_struct_oper_list.vector[2]            0.0000000000 
_pdbx_struct_oper_list.matrix[3][1]         0.0000000000 
_pdbx_struct_oper_list.matrix[3][2]         0.0000000000 
_pdbx_struct_oper_list.matrix[3][3]         1.0000000000 
_pdbx_struct_oper_list.vector[3]            0.0000000000 
# 
_struct_biol.id        1 
_struct_biol.details   ? 
# 
loop_
_struct_conn.id 
_struct_conn.conn_type_id 
_struct_conn.pdbx_leaving_atom_flag 
_struct_conn.pdbx_PDB_id 
_struct_conn.ptnr1_label_asym_id 
_struct_conn.ptnr1_label_comp_id 
_struct_conn.ptnr1_label_seq_id 
_struct_conn.ptnr1_label_atom_id 
_struct_conn.pdbx_ptnr1_label_alt_id 
_struct_conn.pdbx_ptnr1_PDB_ins_code 
_struct_conn.pdbx_ptnr1_standard_comp_id 
_struct_conn.ptnr1_symmetry 
_struct_conn.ptnr2_label_asym_id 
_struct_conn.ptnr2_label_comp_id 
_struct_conn.ptnr2_label_seq_id 
_struct_conn.ptnr2_label_atom_id 
_struct_conn.pdbx_ptnr2_label_alt_id 
_struct_conn.pdbx_ptnr2_PDB_ins_code 
_struct_conn.ptnr1_auth_asym_id 
_struct_conn.ptnr1_auth_comp_id 
_struct_conn.ptnr1_auth_seq_id 
_struct_conn.ptnr2_auth_asym_id 
_struct_conn.ptnr2_auth_comp_id 
_struct_conn.ptnr2_auth_seq_id 
_struct_conn.ptnr2_symmetry 
_struct_conn.pdbx_ptnr3_label_atom_id 
_struct_conn.pdbx_ptnr3_label_seq_id 
_struct_conn.pdbx_ptnr3_label_comp_id 
_struct_conn.pdbx_ptnr3_label_asym_id 
_struct_conn.pdbx_ptnr3_label_alt_id 
_struct_conn.pdbx_ptnr3_PDB_ins_code 
_struct_conn.details 
_struct_conn.pdbx_dist_value 
_struct_conn.pdbx_value_order 
_struct_conn.pdbx_role 
covale1 covale both ? A GLY 51 C ? ? ? 1_555 A MSE 52 N ? ? A GLY 346 A MSE 347 1_555 ? ? ? ? ? ? ? 1.327 ? ? 
covale2 covale both ? A MSE 52 C ? ? ? 1_555 A LEU 53 N ? ? A MSE 347 A LEU 348 1_555 ? ? ? ? ? ? ? 1.328 ? ? 
# 
_struct_conn_type.id          covale 
_struct_conn_type.criteria    ? 
_struct_conn_type.reference   ? 
# 
_pdbx_modification_feature.ordinal                            1 
_pdbx_modification_feature.label_comp_id                      MSE 
_pdbx_modification_feature.label_asym_id                      A 
_pdbx_modification_feature.label_seq_id                       52 
_pdbx_modification_feature.label_alt_id                       ? 
_pdbx_modification_feature.modified_residue_label_comp_id     . 
_pdbx_modification_feature.modified_residue_label_asym_id     . 
_pdbx_modification_feature.modified_residue_label_seq_id      . 
_pdbx_modification_feature.modified_residue_label_alt_id      . 
_pdbx_modification_feature.auth_comp_id                       MSE 
_pdbx_modification_feature.auth_asym_id                       A 
_pdbx_modification_feature.auth_seq_id                        347 
_pdbx_modification_feature.PDB_ins_code                       ? 
_pdbx_modification_feature.symmetry                           1_555 
_pdbx_modification_feature.modified_residue_auth_comp_id      . 
_pdbx_modification_feature.modified_residue_auth_asym_id      . 
_pdbx_modification_feature.modified_residue_auth_seq_id       . 
_pdbx_modification_feature.modified_residue_PDB_ins_code      . 
_pdbx_modification_feature.modified_residue_symmetry          . 
_pdbx_modification_feature.comp_id_linking_atom               . 
_pdbx_modification_feature.modified_residue_id_linking_atom   . 
_pdbx_modification_feature.modified_residue_id                MET 
_pdbx_modification_feature.ref_pcm_id                         1 
_pdbx_modification_feature.ref_comp_id                        MSE 
_pdbx_modification_feature.type                               Selenomethionine 
_pdbx_modification_feature.category                           'Named protein modification' 
# 
_struct_sheet.id               A 
_struct_sheet.type             ? 
_struct_sheet.number_strands   5 
_struct_sheet.details          ? 
# 
loop_
_struct_sheet_order.sheet_id 
_struct_sheet_order.range_id_1 
_struct_sheet_order.range_id_2 
_struct_sheet_order.offset 
_struct_sheet_order.sense 
A 1 2 ? anti-parallel 
A 2 3 ? anti-parallel 
A 3 4 ? anti-parallel 
A 4 5 ? anti-parallel 
# 
loop_
_struct_sheet_range.sheet_id 
_struct_sheet_range.id 
_struct_sheet_range.beg_label_comp_id 
_struct_sheet_range.beg_label_asym_id 
_struct_sheet_range.beg_label_seq_id 
_struct_sheet_range.pdbx_beg_PDB_ins_code 
_struct_sheet_range.end_label_comp_id 
_struct_sheet_range.end_label_asym_id 
_struct_sheet_range.end_label_seq_id 
_struct_sheet_range.pdbx_end_PDB_ins_code 
_struct_sheet_range.beg_auth_comp_id 
_struct_sheet_range.beg_auth_asym_id 
_struct_sheet_range.beg_auth_seq_id 
_struct_sheet_range.end_auth_comp_id 
_struct_sheet_range.end_auth_asym_id 
_struct_sheet_range.end_auth_seq_id 
A 1 GLN A 56 ? PRO A 61 ? GLN A 351 PRO A 356 
A 2 TRP A 48 ? LEU A 53 ? TRP A 343 LEU A 348 
A 3 LEU A 37 ? GLN A 43 ? LEU A 332 GLN A 338 
A 4 SER A 15 ? ALA A 18 ? SER A 310 ALA A 313 
A 5 VAL A 65 ? VAL A 69 ? VAL A 360 VAL A 364 
# 
loop_
_pdbx_struct_sheet_hbond.sheet_id 
_pdbx_struct_sheet_hbond.range_id_1 
_pdbx_struct_sheet_hbond.range_id_2 
_pdbx_struct_sheet_hbond.range_1_label_atom_id 
_pdbx_struct_sheet_hbond.range_1_label_comp_id 
_pdbx_struct_sheet_hbond.range_1_label_asym_id 
_pdbx_struct_sheet_hbond.range_1_label_seq_id 
_pdbx_struct_sheet_hbond.range_1_PDB_ins_code 
_pdbx_struct_sheet_hbond.range_1_auth_atom_id 
_pdbx_struct_sheet_hbond.range_1_auth_comp_id 
_pdbx_struct_sheet_hbond.range_1_auth_asym_id 
_pdbx_struct_sheet_hbond.range_1_auth_seq_id 
_pdbx_struct_sheet_hbond.range_2_label_atom_id 
_pdbx_struct_sheet_hbond.range_2_label_comp_id 
_pdbx_struct_sheet_hbond.range_2_label_asym_id 
_pdbx_struct_sheet_hbond.range_2_label_seq_id 
_pdbx_struct_sheet_hbond.range_2_PDB_ins_code 
_pdbx_struct_sheet_hbond.range_2_auth_atom_id 
_pdbx_struct_sheet_hbond.range_2_auth_comp_id 
_pdbx_struct_sheet_hbond.range_2_auth_asym_id 
_pdbx_struct_sheet_hbond.range_2_auth_seq_id 
A 1 2 O PHE A 60 ? O PHE A 355 N TYR A 49 ? N TYR A 344 
A 2 3 O MSE A 52 ? O MSE A 347 N THR A 39 ? N THR A 334 
A 3 4 O ILE A 38 ? O ILE A 333 N CYS A 16 ? N CYS A 311 
A 4 5 N LYS A 17 ? N LYS A 312 O GLN A 66 ? O GLN A 361 
# 
_pdbx_entry_details.entry_id                   3C0C 
_pdbx_entry_details.compound_details           ? 
_pdbx_entry_details.source_details             ? 
_pdbx_entry_details.nonpolymer_details         ? 
_pdbx_entry_details.sequence_details           ? 
_pdbx_entry_details.has_ligand_of_interest     ? 
_pdbx_entry_details.has_protein_modification   Y 
# 
_pdbx_struct_mod_residue.id               1 
_pdbx_struct_mod_residue.label_asym_id    A 
_pdbx_struct_mod_residue.label_comp_id    MSE 
_pdbx_struct_mod_residue.label_seq_id     52 
_pdbx_struct_mod_residue.auth_asym_id     A 
_pdbx_struct_mod_residue.auth_comp_id     MSE 
_pdbx_struct_mod_residue.auth_seq_id      347 
_pdbx_struct_mod_residue.PDB_ins_code     ? 
_pdbx_struct_mod_residue.parent_comp_id   MET 
_pdbx_struct_mod_residue.details          SELENOMETHIONINE 
# 
_pdbx_refine_tls.id               1 
_pdbx_refine_tls.details          ? 
_pdbx_refine_tls.method           refined 
_pdbx_refine_tls.origin_x         -0.3912 
_pdbx_refine_tls.origin_y         -0.4759 
_pdbx_refine_tls.origin_z         -0.1848 
_pdbx_refine_tls.T[1][1]          -0.1943 
_pdbx_refine_tls.T[2][2]          -0.1730 
_pdbx_refine_tls.T[3][3]          -0.1973 
_pdbx_refine_tls.T[1][2]          -0.0108 
_pdbx_refine_tls.T[1][3]          0.0103 
_pdbx_refine_tls.T[2][3]          -0.0053 
_pdbx_refine_tls.L[1][1]          5.1101 
_pdbx_refine_tls.L[2][2]          3.2556 
_pdbx_refine_tls.L[3][3]          2.6146 
_pdbx_refine_tls.L[1][2]          1.6731 
_pdbx_refine_tls.L[1][3]          0.0352 
_pdbx_refine_tls.L[2][3]          0.3210 
_pdbx_refine_tls.S[1][1]          -0.0294 
_pdbx_refine_tls.S[2][2]          0.0390 
_pdbx_refine_tls.S[3][3]          -0.0096 
_pdbx_refine_tls.S[1][2]          -0.0181 
_pdbx_refine_tls.S[1][3]          -0.1600 
_pdbx_refine_tls.S[2][3]          -0.0505 
_pdbx_refine_tls.S[2][1]          0.0240 
_pdbx_refine_tls.S[3][1]          0.1563 
_pdbx_refine_tls.S[3][2]          -0.0031 
_pdbx_refine_tls.pdbx_refine_id   'X-RAY DIFFRACTION' 
# 
_pdbx_refine_tls_group.id                  1 
_pdbx_refine_tls_group.refine_tls_id       1 
_pdbx_refine_tls_group.beg_auth_asym_id    A 
_pdbx_refine_tls_group.beg_auth_seq_id     305 
_pdbx_refine_tls_group.beg_label_asym_id   A 
_pdbx_refine_tls_group.beg_label_seq_id    10 
_pdbx_refine_tls_group.end_auth_asym_id    A 
_pdbx_refine_tls_group.end_auth_seq_id     368 
_pdbx_refine_tls_group.end_label_asym_id   A 
_pdbx_refine_tls_group.end_label_seq_id    73 
_pdbx_refine_tls_group.selection           ? 
_pdbx_refine_tls_group.pdbx_refine_id      'X-RAY DIFFRACTION' 
_pdbx_refine_tls_group.selection_details   ? 
# 
loop_
_pdbx_unobs_or_zero_occ_residues.id 
_pdbx_unobs_or_zero_occ_residues.PDB_model_num 
_pdbx_unobs_or_zero_occ_residues.polymer_flag 
_pdbx_unobs_or_zero_occ_residues.occupancy_flag 
_pdbx_unobs_or_zero_occ_residues.auth_asym_id 
_pdbx_unobs_or_zero_occ_residues.auth_comp_id 
_pdbx_unobs_or_zero_occ_residues.auth_seq_id 
_pdbx_unobs_or_zero_occ_residues.PDB_ins_code 
_pdbx_unobs_or_zero_occ_residues.label_asym_id 
_pdbx_unobs_or_zero_occ_residues.label_comp_id 
_pdbx_unobs_or_zero_occ_residues.label_seq_id 
1 1 Y 1 A GLY 296 ? A GLY 1 
2 1 Y 1 A ALA 297 ? A ALA 2 
3 1 Y 1 A MET 298 ? A MET 3 
4 1 Y 1 A ASP 299 ? A ASP 4 
5 1 Y 1 A PRO 300 ? A PRO 5 
6 1 Y 1 A GLU 301 ? A GLU 6 
7 1 Y 1 A PHE 302 ? A PHE 7 
8 1 Y 1 A MET 303 ? A MET 8 
9 1 Y 1 A PRO 304 ? A PRO 9 
# 
loop_
_chem_comp_atom.comp_id 
_chem_comp_atom.atom_id 
_chem_comp_atom.type_symbol 
_chem_comp_atom.pdbx_aromatic_flag 
_chem_comp_atom.pdbx_stereo_config 
_chem_comp_atom.pdbx_ordinal 
ALA N    N  N N 1   
ALA CA   C  N S 2   
ALA C    C  N N 3   
ALA O    O  N N 4   
ALA CB   C  N N 5   
ALA OXT  O  N N 6   
ALA H    H  N N 7   
ALA H2   H  N N 8   
ALA HA   H  N N 9   
ALA HB1  H  N N 10  
ALA HB2  H  N N 11  
ALA HB3  H  N N 12  
ALA HXT  H  N N 13  
ARG N    N  N N 14  
ARG CA   C  N S 15  
ARG C    C  N N 16  
ARG O    O  N N 17  
ARG CB   C  N N 18  
ARG CG   C  N N 19  
ARG CD   C  N N 20  
ARG NE   N  N N 21  
ARG CZ   C  N N 22  
ARG NH1  N  N N 23  
ARG NH2  N  N N 24  
ARG OXT  O  N N 25  
ARG H    H  N N 26  
ARG H2   H  N N 27  
ARG HA   H  N N 28  
ARG HB2  H  N N 29  
ARG HB3  H  N N 30  
ARG HG2  H  N N 31  
ARG HG3  H  N N 32  
ARG HD2  H  N N 33  
ARG HD3  H  N N 34  
ARG HE   H  N N 35  
ARG HH11 H  N N 36  
ARG HH12 H  N N 37  
ARG HH21 H  N N 38  
ARG HH22 H  N N 39  
ARG HXT  H  N N 40  
ASN N    N  N N 41  
ASN CA   C  N S 42  
ASN C    C  N N 43  
ASN O    O  N N 44  
ASN CB   C  N N 45  
ASN CG   C  N N 46  
ASN OD1  O  N N 47  
ASN ND2  N  N N 48  
ASN OXT  O  N N 49  
ASN H    H  N N 50  
ASN H2   H  N N 51  
ASN HA   H  N N 52  
ASN HB2  H  N N 53  
ASN HB3  H  N N 54  
ASN HD21 H  N N 55  
ASN HD22 H  N N 56  
ASN HXT  H  N N 57  
ASP N    N  N N 58  
ASP CA   C  N S 59  
ASP C    C  N N 60  
ASP O    O  N N 61  
ASP CB   C  N N 62  
ASP CG   C  N N 63  
ASP OD1  O  N N 64  
ASP OD2  O  N N 65  
ASP OXT  O  N N 66  
ASP H    H  N N 67  
ASP H2   H  N N 68  
ASP HA   H  N N 69  
ASP HB2  H  N N 70  
ASP HB3  H  N N 71  
ASP HD2  H  N N 72  
ASP HXT  H  N N 73  
CYS N    N  N N 74  
CYS CA   C  N R 75  
CYS C    C  N N 76  
CYS O    O  N N 77  
CYS CB   C  N N 78  
CYS SG   S  N N 79  
CYS OXT  O  N N 80  
CYS H    H  N N 81  
CYS H2   H  N N 82  
CYS HA   H  N N 83  
CYS HB2  H  N N 84  
CYS HB3  H  N N 85  
CYS HG   H  N N 86  
CYS HXT  H  N N 87  
GLN N    N  N N 88  
GLN CA   C  N S 89  
GLN C    C  N N 90  
GLN O    O  N N 91  
GLN CB   C  N N 92  
GLN CG   C  N N 93  
GLN CD   C  N N 94  
GLN OE1  O  N N 95  
GLN NE2  N  N N 96  
GLN OXT  O  N N 97  
GLN H    H  N N 98  
GLN H2   H  N N 99  
GLN HA   H  N N 100 
GLN HB2  H  N N 101 
GLN HB3  H  N N 102 
GLN HG2  H  N N 103 
GLN HG3  H  N N 104 
GLN HE21 H  N N 105 
GLN HE22 H  N N 106 
GLN HXT  H  N N 107 
GLU N    N  N N 108 
GLU CA   C  N S 109 
GLU C    C  N N 110 
GLU O    O  N N 111 
GLU CB   C  N N 112 
GLU CG   C  N N 113 
GLU CD   C  N N 114 
GLU OE1  O  N N 115 
GLU OE2  O  N N 116 
GLU OXT  O  N N 117 
GLU H    H  N N 118 
GLU H2   H  N N 119 
GLU HA   H  N N 120 
GLU HB2  H  N N 121 
GLU HB3  H  N N 122 
GLU HG2  H  N N 123 
GLU HG3  H  N N 124 
GLU HE2  H  N N 125 
GLU HXT  H  N N 126 
GLY N    N  N N 127 
GLY CA   C  N N 128 
GLY C    C  N N 129 
GLY O    O  N N 130 
GLY OXT  O  N N 131 
GLY H    H  N N 132 
GLY H2   H  N N 133 
GLY HA2  H  N N 134 
GLY HA3  H  N N 135 
GLY HXT  H  N N 136 
HIS N    N  N N 137 
HIS CA   C  N S 138 
HIS C    C  N N 139 
HIS O    O  N N 140 
HIS CB   C  N N 141 
HIS CG   C  Y N 142 
HIS ND1  N  Y N 143 
HIS CD2  C  Y N 144 
HIS CE1  C  Y N 145 
HIS NE2  N  Y N 146 
HIS OXT  O  N N 147 
HIS H    H  N N 148 
HIS H2   H  N N 149 
HIS HA   H  N N 150 
HIS HB2  H  N N 151 
HIS HB3  H  N N 152 
HIS HD1  H  N N 153 
HIS HD2  H  N N 154 
HIS HE1  H  N N 155 
HIS HE2  H  N N 156 
HIS HXT  H  N N 157 
HOH O    O  N N 158 
HOH H1   H  N N 159 
HOH H2   H  N N 160 
ILE N    N  N N 161 
ILE CA   C  N S 162 
ILE C    C  N N 163 
ILE O    O  N N 164 
ILE CB   C  N S 165 
ILE CG1  C  N N 166 
ILE CG2  C  N N 167 
ILE CD1  C  N N 168 
ILE OXT  O  N N 169 
ILE H    H  N N 170 
ILE H2   H  N N 171 
ILE HA   H  N N 172 
ILE HB   H  N N 173 
ILE HG12 H  N N 174 
ILE HG13 H  N N 175 
ILE HG21 H  N N 176 
ILE HG22 H  N N 177 
ILE HG23 H  N N 178 
ILE HD11 H  N N 179 
ILE HD12 H  N N 180 
ILE HD13 H  N N 181 
ILE HXT  H  N N 182 
LEU N    N  N N 183 
LEU CA   C  N S 184 
LEU C    C  N N 185 
LEU O    O  N N 186 
LEU CB   C  N N 187 
LEU CG   C  N N 188 
LEU CD1  C  N N 189 
LEU CD2  C  N N 190 
LEU OXT  O  N N 191 
LEU H    H  N N 192 
LEU H2   H  N N 193 
LEU HA   H  N N 194 
LEU HB2  H  N N 195 
LEU HB3  H  N N 196 
LEU HG   H  N N 197 
LEU HD11 H  N N 198 
LEU HD12 H  N N 199 
LEU HD13 H  N N 200 
LEU HD21 H  N N 201 
LEU HD22 H  N N 202 
LEU HD23 H  N N 203 
LEU HXT  H  N N 204 
LYS N    N  N N 205 
LYS CA   C  N S 206 
LYS C    C  N N 207 
LYS O    O  N N 208 
LYS CB   C  N N 209 
LYS CG   C  N N 210 
LYS CD   C  N N 211 
LYS CE   C  N N 212 
LYS NZ   N  N N 213 
LYS OXT  O  N N 214 
LYS H    H  N N 215 
LYS H2   H  N N 216 
LYS HA   H  N N 217 
LYS HB2  H  N N 218 
LYS HB3  H  N N 219 
LYS HG2  H  N N 220 
LYS HG3  H  N N 221 
LYS HD2  H  N N 222 
LYS HD3  H  N N 223 
LYS HE2  H  N N 224 
LYS HE3  H  N N 225 
LYS HZ1  H  N N 226 
LYS HZ2  H  N N 227 
LYS HZ3  H  N N 228 
LYS HXT  H  N N 229 
MET N    N  N N 230 
MET CA   C  N S 231 
MET C    C  N N 232 
MET O    O  N N 233 
MET CB   C  N N 234 
MET CG   C  N N 235 
MET SD   S  N N 236 
MET CE   C  N N 237 
MET OXT  O  N N 238 
MET H    H  N N 239 
MET H2   H  N N 240 
MET HA   H  N N 241 
MET HB2  H  N N 242 
MET HB3  H  N N 243 
MET HG2  H  N N 244 
MET HG3  H  N N 245 
MET HE1  H  N N 246 
MET HE2  H  N N 247 
MET HE3  H  N N 248 
MET HXT  H  N N 249 
MSE N    N  N N 250 
MSE CA   C  N S 251 
MSE C    C  N N 252 
MSE O    O  N N 253 
MSE OXT  O  N N 254 
MSE CB   C  N N 255 
MSE CG   C  N N 256 
MSE SE   SE N N 257 
MSE CE   C  N N 258 
MSE H    H  N N 259 
MSE H2   H  N N 260 
MSE HA   H  N N 261 
MSE HXT  H  N N 262 
MSE HB2  H  N N 263 
MSE HB3  H  N N 264 
MSE HG2  H  N N 265 
MSE HG3  H  N N 266 
MSE HE1  H  N N 267 
MSE HE2  H  N N 268 
MSE HE3  H  N N 269 
PHE N    N  N N 270 
PHE CA   C  N S 271 
PHE C    C  N N 272 
PHE O    O  N N 273 
PHE CB   C  N N 274 
PHE CG   C  Y N 275 
PHE CD1  C  Y N 276 
PHE CD2  C  Y N 277 
PHE CE1  C  Y N 278 
PHE CE2  C  Y N 279 
PHE CZ   C  Y N 280 
PHE OXT  O  N N 281 
PHE H    H  N N 282 
PHE H2   H  N N 283 
PHE HA   H  N N 284 
PHE HB2  H  N N 285 
PHE HB3  H  N N 286 
PHE HD1  H  N N 287 
PHE HD2  H  N N 288 
PHE HE1  H  N N 289 
PHE HE2  H  N N 290 
PHE HZ   H  N N 291 
PHE HXT  H  N N 292 
PRO N    N  N N 293 
PRO CA   C  N S 294 
PRO C    C  N N 295 
PRO O    O  N N 296 
PRO CB   C  N N 297 
PRO CG   C  N N 298 
PRO CD   C  N N 299 
PRO OXT  O  N N 300 
PRO H    H  N N 301 
PRO HA   H  N N 302 
PRO HB2  H  N N 303 
PRO HB3  H  N N 304 
PRO HG2  H  N N 305 
PRO HG3  H  N N 306 
PRO HD2  H  N N 307 
PRO HD3  H  N N 308 
PRO HXT  H  N N 309 
SER N    N  N N 310 
SER CA   C  N S 311 
SER C    C  N N 312 
SER O    O  N N 313 
SER CB   C  N N 314 
SER OG   O  N N 315 
SER OXT  O  N N 316 
SER H    H  N N 317 
SER H2   H  N N 318 
SER HA   H  N N 319 
SER HB2  H  N N 320 
SER HB3  H  N N 321 
SER HG   H  N N 322 
SER HXT  H  N N 323 
THR N    N  N N 324 
THR CA   C  N S 325 
THR C    C  N N 326 
THR O    O  N N 327 
THR CB   C  N R 328 
THR OG1  O  N N 329 
THR CG2  C  N N 330 
THR OXT  O  N N 331 
THR H    H  N N 332 
THR H2   H  N N 333 
THR HA   H  N N 334 
THR HB   H  N N 335 
THR HG1  H  N N 336 
THR HG21 H  N N 337 
THR HG22 H  N N 338 
THR HG23 H  N N 339 
THR HXT  H  N N 340 
TRP N    N  N N 341 
TRP CA   C  N S 342 
TRP C    C  N N 343 
TRP O    O  N N 344 
TRP CB   C  N N 345 
TRP CG   C  Y N 346 
TRP CD1  C  Y N 347 
TRP CD2  C  Y N 348 
TRP NE1  N  Y N 349 
TRP CE2  C  Y N 350 
TRP CE3  C  Y N 351 
TRP CZ2  C  Y N 352 
TRP CZ3  C  Y N 353 
TRP CH2  C  Y N 354 
TRP OXT  O  N N 355 
TRP H    H  N N 356 
TRP H2   H  N N 357 
TRP HA   H  N N 358 
TRP HB2  H  N N 359 
TRP HB3  H  N N 360 
TRP HD1  H  N N 361 
TRP HE1  H  N N 362 
TRP HE3  H  N N 363 
TRP HZ2  H  N N 364 
TRP HZ3  H  N N 365 
TRP HH2  H  N N 366 
TRP HXT  H  N N 367 
TYR N    N  N N 368 
TYR CA   C  N S 369 
TYR C    C  N N 370 
TYR O    O  N N 371 
TYR CB   C  N N 372 
TYR CG   C  Y N 373 
TYR CD1  C  Y N 374 
TYR CD2  C  Y N 375 
TYR CE1  C  Y N 376 
TYR CE2  C  Y N 377 
TYR CZ   C  Y N 378 
TYR OH   O  N N 379 
TYR OXT  O  N N 380 
TYR H    H  N N 381 
TYR H2   H  N N 382 
TYR HA   H  N N 383 
TYR HB2  H  N N 384 
TYR HB3  H  N N 385 
TYR HD1  H  N N 386 
TYR HD2  H  N N 387 
TYR HE1  H  N N 388 
TYR HE2  H  N N 389 
TYR HH   H  N N 390 
TYR HXT  H  N N 391 
VAL N    N  N N 392 
VAL CA   C  N S 393 
VAL C    C  N N 394 
VAL O    O  N N 395 
VAL CB   C  N N 396 
VAL CG1  C  N N 397 
VAL CG2  C  N N 398 
VAL OXT  O  N N 399 
VAL H    H  N N 400 
VAL H2   H  N N 401 
VAL HA   H  N N 402 
VAL HB   H  N N 403 
VAL HG11 H  N N 404 
VAL HG12 H  N N 405 
VAL HG13 H  N N 406 
VAL HG21 H  N N 407 
VAL HG22 H  N N 408 
VAL HG23 H  N N 409 
VAL HXT  H  N N 410 
# 
loop_
_chem_comp_bond.comp_id 
_chem_comp_bond.atom_id_1 
_chem_comp_bond.atom_id_2 
_chem_comp_bond.value_order 
_chem_comp_bond.pdbx_aromatic_flag 
_chem_comp_bond.pdbx_stereo_config 
_chem_comp_bond.pdbx_ordinal 
ALA N   CA   sing N N 1   
ALA N   H    sing N N 2   
ALA N   H2   sing N N 3   
ALA CA  C    sing N N 4   
ALA CA  CB   sing N N 5   
ALA CA  HA   sing N N 6   
ALA C   O    doub N N 7   
ALA C   OXT  sing N N 8   
ALA CB  HB1  sing N N 9   
ALA CB  HB2  sing N N 10  
ALA CB  HB3  sing N N 11  
ALA OXT HXT  sing N N 12  
ARG N   CA   sing N N 13  
ARG N   H    sing N N 14  
ARG N   H2   sing N N 15  
ARG CA  C    sing N N 16  
ARG CA  CB   sing N N 17  
ARG CA  HA   sing N N 18  
ARG C   O    doub N N 19  
ARG C   OXT  sing N N 20  
ARG CB  CG   sing N N 21  
ARG CB  HB2  sing N N 22  
ARG CB  HB3  sing N N 23  
ARG CG  CD   sing N N 24  
ARG CG  HG2  sing N N 25  
ARG CG  HG3  sing N N 26  
ARG CD  NE   sing N N 27  
ARG CD  HD2  sing N N 28  
ARG CD  HD3  sing N N 29  
ARG NE  CZ   sing N N 30  
ARG NE  HE   sing N N 31  
ARG CZ  NH1  sing N N 32  
ARG CZ  NH2  doub N N 33  
ARG NH1 HH11 sing N N 34  
ARG NH1 HH12 sing N N 35  
ARG NH2 HH21 sing N N 36  
ARG NH2 HH22 sing N N 37  
ARG OXT HXT  sing N N 38  
ASN N   CA   sing N N 39  
ASN N   H    sing N N 40  
ASN N   H2   sing N N 41  
ASN CA  C    sing N N 42  
ASN CA  CB   sing N N 43  
ASN CA  HA   sing N N 44  
ASN C   O    doub N N 45  
ASN C   OXT  sing N N 46  
ASN CB  CG   sing N N 47  
ASN CB  HB2  sing N N 48  
ASN CB  HB3  sing N N 49  
ASN CG  OD1  doub N N 50  
ASN CG  ND2  sing N N 51  
ASN ND2 HD21 sing N N 52  
ASN ND2 HD22 sing N N 53  
ASN OXT HXT  sing N N 54  
ASP N   CA   sing N N 55  
ASP N   H    sing N N 56  
ASP N   H2   sing N N 57  
ASP CA  C    sing N N 58  
ASP CA  CB   sing N N 59  
ASP CA  HA   sing N N 60  
ASP C   O    doub N N 61  
ASP C   OXT  sing N N 62  
ASP CB  CG   sing N N 63  
ASP CB  HB2  sing N N 64  
ASP CB  HB3  sing N N 65  
ASP CG  OD1  doub N N 66  
ASP CG  OD2  sing N N 67  
ASP OD2 HD2  sing N N 68  
ASP OXT HXT  sing N N 69  
CYS N   CA   sing N N 70  
CYS N   H    sing N N 71  
CYS N   H2   sing N N 72  
CYS CA  C    sing N N 73  
CYS CA  CB   sing N N 74  
CYS CA  HA   sing N N 75  
CYS C   O    doub N N 76  
CYS C   OXT  sing N N 77  
CYS CB  SG   sing N N 78  
CYS CB  HB2  sing N N 79  
CYS CB  HB3  sing N N 80  
CYS SG  HG   sing N N 81  
CYS OXT HXT  sing N N 82  
GLN N   CA   sing N N 83  
GLN N   H    sing N N 84  
GLN N   H2   sing N N 85  
GLN CA  C    sing N N 86  
GLN CA  CB   sing N N 87  
GLN CA  HA   sing N N 88  
GLN C   O    doub N N 89  
GLN C   OXT  sing N N 90  
GLN CB  CG   sing N N 91  
GLN CB  HB2  sing N N 92  
GLN CB  HB3  sing N N 93  
GLN CG  CD   sing N N 94  
GLN CG  HG2  sing N N 95  
GLN CG  HG3  sing N N 96  
GLN CD  OE1  doub N N 97  
GLN CD  NE2  sing N N 98  
GLN NE2 HE21 sing N N 99  
GLN NE2 HE22 sing N N 100 
GLN OXT HXT  sing N N 101 
GLU N   CA   sing N N 102 
GLU N   H    sing N N 103 
GLU N   H2   sing N N 104 
GLU CA  C    sing N N 105 
GLU CA  CB   sing N N 106 
GLU CA  HA   sing N N 107 
GLU C   O    doub N N 108 
GLU C   OXT  sing N N 109 
GLU CB  CG   sing N N 110 
GLU CB  HB2  sing N N 111 
GLU CB  HB3  sing N N 112 
GLU CG  CD   sing N N 113 
GLU CG  HG2  sing N N 114 
GLU CG  HG3  sing N N 115 
GLU CD  OE1  doub N N 116 
GLU CD  OE2  sing N N 117 
GLU OE2 HE2  sing N N 118 
GLU OXT HXT  sing N N 119 
GLY N   CA   sing N N 120 
GLY N   H    sing N N 121 
GLY N   H2   sing N N 122 
GLY CA  C    sing N N 123 
GLY CA  HA2  sing N N 124 
GLY CA  HA3  sing N N 125 
GLY C   O    doub N N 126 
GLY C   OXT  sing N N 127 
GLY OXT HXT  sing N N 128 
HIS N   CA   sing N N 129 
HIS N   H    sing N N 130 
HIS N   H2   sing N N 131 
HIS CA  C    sing N N 132 
HIS CA  CB   sing N N 133 
HIS CA  HA   sing N N 134 
HIS C   O    doub N N 135 
HIS C   OXT  sing N N 136 
HIS CB  CG   sing N N 137 
HIS CB  HB2  sing N N 138 
HIS CB  HB3  sing N N 139 
HIS CG  ND1  sing Y N 140 
HIS CG  CD2  doub Y N 141 
HIS ND1 CE1  doub Y N 142 
HIS ND1 HD1  sing N N 143 
HIS CD2 NE2  sing Y N 144 
HIS CD2 HD2  sing N N 145 
HIS CE1 NE2  sing Y N 146 
HIS CE1 HE1  sing N N 147 
HIS NE2 HE2  sing N N 148 
HIS OXT HXT  sing N N 149 
HOH O   H1   sing N N 150 
HOH O   H2   sing N N 151 
ILE N   CA   sing N N 152 
ILE N   H    sing N N 153 
ILE N   H2   sing N N 154 
ILE CA  C    sing N N 155 
ILE CA  CB   sing N N 156 
ILE CA  HA   sing N N 157 
ILE C   O    doub N N 158 
ILE C   OXT  sing N N 159 
ILE CB  CG1  sing N N 160 
ILE CB  CG2  sing N N 161 
ILE CB  HB   sing N N 162 
ILE CG1 CD1  sing N N 163 
ILE CG1 HG12 sing N N 164 
ILE CG1 HG13 sing N N 165 
ILE CG2 HG21 sing N N 166 
ILE CG2 HG22 sing N N 167 
ILE CG2 HG23 sing N N 168 
ILE CD1 HD11 sing N N 169 
ILE CD1 HD12 sing N N 170 
ILE CD1 HD13 sing N N 171 
ILE OXT HXT  sing N N 172 
LEU N   CA   sing N N 173 
LEU N   H    sing N N 174 
LEU N   H2   sing N N 175 
LEU CA  C    sing N N 176 
LEU CA  CB   sing N N 177 
LEU CA  HA   sing N N 178 
LEU C   O    doub N N 179 
LEU C   OXT  sing N N 180 
LEU CB  CG   sing N N 181 
LEU CB  HB2  sing N N 182 
LEU CB  HB3  sing N N 183 
LEU CG  CD1  sing N N 184 
LEU CG  CD2  sing N N 185 
LEU CG  HG   sing N N 186 
LEU CD1 HD11 sing N N 187 
LEU CD1 HD12 sing N N 188 
LEU CD1 HD13 sing N N 189 
LEU CD2 HD21 sing N N 190 
LEU CD2 HD22 sing N N 191 
LEU CD2 HD23 sing N N 192 
LEU OXT HXT  sing N N 193 
LYS N   CA   sing N N 194 
LYS N   H    sing N N 195 
LYS N   H2   sing N N 196 
LYS CA  C    sing N N 197 
LYS CA  CB   sing N N 198 
LYS CA  HA   sing N N 199 
LYS C   O    doub N N 200 
LYS C   OXT  sing N N 201 
LYS CB  CG   sing N N 202 
LYS CB  HB2  sing N N 203 
LYS CB  HB3  sing N N 204 
LYS CG  CD   sing N N 205 
LYS CG  HG2  sing N N 206 
LYS CG  HG3  sing N N 207 
LYS CD  CE   sing N N 208 
LYS CD  HD2  sing N N 209 
LYS CD  HD3  sing N N 210 
LYS CE  NZ   sing N N 211 
LYS CE  HE2  sing N N 212 
LYS CE  HE3  sing N N 213 
LYS NZ  HZ1  sing N N 214 
LYS NZ  HZ2  sing N N 215 
LYS NZ  HZ3  sing N N 216 
LYS OXT HXT  sing N N 217 
MET N   CA   sing N N 218 
MET N   H    sing N N 219 
MET N   H2   sing N N 220 
MET CA  C    sing N N 221 
MET CA  CB   sing N N 222 
MET CA  HA   sing N N 223 
MET C   O    doub N N 224 
MET C   OXT  sing N N 225 
MET CB  CG   sing N N 226 
MET CB  HB2  sing N N 227 
MET CB  HB3  sing N N 228 
MET CG  SD   sing N N 229 
MET CG  HG2  sing N N 230 
MET CG  HG3  sing N N 231 
MET SD  CE   sing N N 232 
MET CE  HE1  sing N N 233 
MET CE  HE2  sing N N 234 
MET CE  HE3  sing N N 235 
MET OXT HXT  sing N N 236 
MSE N   CA   sing N N 237 
MSE N   H    sing N N 238 
MSE N   H2   sing N N 239 
MSE CA  C    sing N N 240 
MSE CA  CB   sing N N 241 
MSE CA  HA   sing N N 242 
MSE C   O    doub N N 243 
MSE C   OXT  sing N N 244 
MSE OXT HXT  sing N N 245 
MSE CB  CG   sing N N 246 
MSE CB  HB2  sing N N 247 
MSE CB  HB3  sing N N 248 
MSE CG  SE   sing N N 249 
MSE CG  HG2  sing N N 250 
MSE CG  HG3  sing N N 251 
MSE SE  CE   sing N N 252 
MSE CE  HE1  sing N N 253 
MSE CE  HE2  sing N N 254 
MSE CE  HE3  sing N N 255 
PHE N   CA   sing N N 256 
PHE N   H    sing N N 257 
PHE N   H2   sing N N 258 
PHE CA  C    sing N N 259 
PHE CA  CB   sing N N 260 
PHE CA  HA   sing N N 261 
PHE C   O    doub N N 262 
PHE C   OXT  sing N N 263 
PHE CB  CG   sing N N 264 
PHE CB  HB2  sing N N 265 
PHE CB  HB3  sing N N 266 
PHE CG  CD1  doub Y N 267 
PHE CG  CD2  sing Y N 268 
PHE CD1 CE1  sing Y N 269 
PHE CD1 HD1  sing N N 270 
PHE CD2 CE2  doub Y N 271 
PHE CD2 HD2  sing N N 272 
PHE CE1 CZ   doub Y N 273 
PHE CE1 HE1  sing N N 274 
PHE CE2 CZ   sing Y N 275 
PHE CE2 HE2  sing N N 276 
PHE CZ  HZ   sing N N 277 
PHE OXT HXT  sing N N 278 
PRO N   CA   sing N N 279 
PRO N   CD   sing N N 280 
PRO N   H    sing N N 281 
PRO CA  C    sing N N 282 
PRO CA  CB   sing N N 283 
PRO CA  HA   sing N N 284 
PRO C   O    doub N N 285 
PRO C   OXT  sing N N 286 
PRO CB  CG   sing N N 287 
PRO CB  HB2  sing N N 288 
PRO CB  HB3  sing N N 289 
PRO CG  CD   sing N N 290 
PRO CG  HG2  sing N N 291 
PRO CG  HG3  sing N N 292 
PRO CD  HD2  sing N N 293 
PRO CD  HD3  sing N N 294 
PRO OXT HXT  sing N N 295 
SER N   CA   sing N N 296 
SER N   H    sing N N 297 
SER N   H2   sing N N 298 
SER CA  C    sing N N 299 
SER CA  CB   sing N N 300 
SER CA  HA   sing N N 301 
SER C   O    doub N N 302 
SER C   OXT  sing N N 303 
SER CB  OG   sing N N 304 
SER CB  HB2  sing N N 305 
SER CB  HB3  sing N N 306 
SER OG  HG   sing N N 307 
SER OXT HXT  sing N N 308 
THR N   CA   sing N N 309 
THR N   H    sing N N 310 
THR N   H2   sing N N 311 
THR CA  C    sing N N 312 
THR CA  CB   sing N N 313 
THR CA  HA   sing N N 314 
THR C   O    doub N N 315 
THR C   OXT  sing N N 316 
THR CB  OG1  sing N N 317 
THR CB  CG2  sing N N 318 
THR CB  HB   sing N N 319 
THR OG1 HG1  sing N N 320 
THR CG2 HG21 sing N N 321 
THR CG2 HG22 sing N N 322 
THR CG2 HG23 sing N N 323 
THR OXT HXT  sing N N 324 
TRP N   CA   sing N N 325 
TRP N   H    sing N N 326 
TRP N   H2   sing N N 327 
TRP CA  C    sing N N 328 
TRP CA  CB   sing N N 329 
TRP CA  HA   sing N N 330 
TRP C   O    doub N N 331 
TRP C   OXT  sing N N 332 
TRP CB  CG   sing N N 333 
TRP CB  HB2  sing N N 334 
TRP CB  HB3  sing N N 335 
TRP CG  CD1  doub Y N 336 
TRP CG  CD2  sing Y N 337 
TRP CD1 NE1  sing Y N 338 
TRP CD1 HD1  sing N N 339 
TRP CD2 CE2  doub Y N 340 
TRP CD2 CE3  sing Y N 341 
TRP NE1 CE2  sing Y N 342 
TRP NE1 HE1  sing N N 343 
TRP CE2 CZ2  sing Y N 344 
TRP CE3 CZ3  doub Y N 345 
TRP CE3 HE3  sing N N 346 
TRP CZ2 CH2  doub Y N 347 
TRP CZ2 HZ2  sing N N 348 
TRP CZ3 CH2  sing Y N 349 
TRP CZ3 HZ3  sing N N 350 
TRP CH2 HH2  sing N N 351 
TRP OXT HXT  sing N N 352 
TYR N   CA   sing N N 353 
TYR N   H    sing N N 354 
TYR N   H2   sing N N 355 
TYR CA  C    sing N N 356 
TYR CA  CB   sing N N 357 
TYR CA  HA   sing N N 358 
TYR C   O    doub N N 359 
TYR C   OXT  sing N N 360 
TYR CB  CG   sing N N 361 
TYR CB  HB2  sing N N 362 
TYR CB  HB3  sing N N 363 
TYR CG  CD1  doub Y N 364 
TYR CG  CD2  sing Y N 365 
TYR CD1 CE1  sing Y N 366 
TYR CD1 HD1  sing N N 367 
TYR CD2 CE2  doub Y N 368 
TYR CD2 HD2  sing N N 369 
TYR CE1 CZ   doub Y N 370 
TYR CE1 HE1  sing N N 371 
TYR CE2 CZ   sing Y N 372 
TYR CE2 HE2  sing N N 373 
TYR CZ  OH   sing N N 374 
TYR OH  HH   sing N N 375 
TYR OXT HXT  sing N N 376 
VAL N   CA   sing N N 377 
VAL N   H    sing N N 378 
VAL N   H2   sing N N 379 
VAL CA  C    sing N N 380 
VAL CA  CB   sing N N 381 
VAL CA  HA   sing N N 382 
VAL C   O    doub N N 383 
VAL C   OXT  sing N N 384 
VAL CB  CG1  sing N N 385 
VAL CB  CG2  sing N N 386 
VAL CB  HB   sing N N 387 
VAL CG1 HG11 sing N N 388 
VAL CG1 HG12 sing N N 389 
VAL CG1 HG13 sing N N 390 
VAL CG2 HG21 sing N N 391 
VAL CG2 HG22 sing N N 392 
VAL CG2 HG23 sing N N 393 
VAL OXT HXT  sing N N 394 
# 
_atom_sites.entry_id                    3C0C 
_atom_sites.fract_transf_matrix[1][1]   -0.00124789 
_atom_sites.fract_transf_matrix[1][2]   -0.01479488 
_atom_sites.fract_transf_matrix[1][3]   -0.00405808 
_atom_sites.fract_transf_matrix[2][1]   0.00992595 
_atom_sites.fract_transf_matrix[2][2]   -0.00388307 
_atom_sites.fract_transf_matrix[2][3]   0.01110455 
_atom_sites.fract_transf_matrix[3][1]   -0.01841493 
_atom_sites.fract_transf_matrix[3][2]   -0.00270249 
_atom_sites.fract_transf_matrix[3][3]   0.01551542 
_atom_sites.fract_transf_vector[1]      0.403011 
_atom_sites.fract_transf_vector[2]      0.208216 
_atom_sites.fract_transf_vector[3]      0.105621 
# 
loop_
_atom_type.symbol 
C  
N  
O  
S  
SE 
# 
loop_
_atom_site.group_PDB 
_atom_site.id 
_atom_site.type_symbol 
_atom_site.label_atom_id 
_atom_site.label_alt_id 
_atom_site.label_comp_id 
_atom_site.label_asym_id 
_atom_site.label_entity_id 
_atom_site.label_seq_id 
_atom_site.pdbx_PDB_ins_code 
_atom_site.Cartn_x 
_atom_site.Cartn_y 
_atom_site.Cartn_z 
_atom_site.occupancy 
_atom_site.B_iso_or_equiv 
_atom_site.pdbx_formal_charge 
_atom_site.auth_seq_id 
_atom_site.auth_comp_id 
_atom_site.auth_asym_id 
_atom_site.auth_atom_id 
_atom_site.pdbx_PDB_model_num 
ATOM   1   N  N   . PRO A 1 10 ? 5.412   17.873  -7.819  1.00 47.94 ? 305 PRO A N   1 
ATOM   2   C  CA  . PRO A 1 10 ? 4.887   16.585  -7.374  1.00 47.64 ? 305 PRO A CA  1 
ATOM   3   C  C   . PRO A 1 10 ? 5.965   15.786  -6.672  1.00 47.26 ? 305 PRO A C   1 
ATOM   4   O  O   . PRO A 1 10 ? 7.151   15.918  -6.997  1.00 47.41 ? 305 PRO A O   1 
ATOM   5   C  CB  . PRO A 1 10 ? 4.495   15.904  -8.687  1.00 47.90 ? 305 PRO A CB  1 
ATOM   6   C  CG  . PRO A 1 10 ? 4.034   17.037  -9.543  1.00 47.90 ? 305 PRO A CG  1 
ATOM   7   C  CD  . PRO A 1 10 ? 4.924   18.222  -9.166  1.00 48.32 ? 305 PRO A CD  1 
ATOM   8   N  N   . LEU A 1 11 ? 5.547   14.986  -5.701  1.00 46.93 ? 306 LEU A N   1 
ATOM   9   C  CA  . LEU A 1 11 ? 6.453   14.154  -4.950  1.00 45.99 ? 306 LEU A CA  1 
ATOM   10  C  C   . LEU A 1 11 ? 6.855   12.941  -5.794  1.00 44.96 ? 306 LEU A C   1 
ATOM   11  O  O   . LEU A 1 11 ? 6.081   12.432  -6.612  1.00 45.03 ? 306 LEU A O   1 
ATOM   12  C  CB  . LEU A 1 11 ? 5.788   13.684  -3.653  1.00 46.73 ? 306 LEU A CB  1 
ATOM   13  C  CG  . LEU A 1 11 ? 5.382   14.750  -2.623  1.00 47.85 ? 306 LEU A CG  1 
ATOM   14  C  CD1 . LEU A 1 11 ? 4.397   14.167  -1.623  1.00 49.17 ? 306 LEU A CD1 1 
ATOM   15  C  CD2 . LEU A 1 11 ? 6.615   15.314  -1.916  1.00 49.53 ? 306 LEU A CD2 1 
ATOM   16  N  N   . ASP A 1 12 ? 8.090   12.498  -5.584  1.00 42.61 ? 307 ASP A N   1 
ATOM   17  C  CA  . ASP A 1 12 ? 8.586   11.287  -6.190  1.00 40.39 ? 307 ASP A CA  1 
ATOM   18  C  C   . ASP A 1 12 ? 8.669   10.128  -5.190  1.00 39.41 ? 307 ASP A C   1 
ATOM   19  O  O   . ASP A 1 12 ? 9.352   9.153   -5.456  1.00 38.79 ? 307 ASP A O   1 
ATOM   20  C  CB  . ASP A 1 12 ? 9.955   11.534  -6.808  1.00 40.08 ? 307 ASP A CB  1 
ATOM   21  C  CG  . ASP A 1 12 ? 10.980  11.987  -5.785  1.00 39.96 ? 307 ASP A CG  1 
ATOM   22  O  OD1 . ASP A 1 12 ? 10.592  12.331  -4.644  1.00 39.18 ? 307 ASP A OD1 1 
ATOM   23  O  OD2 . ASP A 1 12 ? 12.166  12.016  -6.140  1.00 36.96 ? 307 ASP A OD2 1 
ATOM   24  N  N   . GLN A 1 13 ? 7.967   10.244  -4.054  1.00 37.69 ? 308 GLN A N   1 
ATOM   25  C  CA  . GLN A 1 13 ? 7.833   9.148   -3.096  1.00 38.04 ? 308 GLN A CA  1 
ATOM   26  C  C   . GLN A 1 13 ? 6.917   8.079   -3.686  1.00 38.06 ? 308 GLN A C   1 
ATOM   27  O  O   . GLN A 1 13 ? 5.755   8.356   -4.008  1.00 38.40 ? 308 GLN A O   1 
ATOM   28  C  CB  . GLN A 1 13 ? 7.225   9.644   -1.767  1.00 36.94 ? 308 GLN A CB  1 
ATOM   29  C  CG  . GLN A 1 13 ? 6.771   8.505   -0.831  1.00 36.61 ? 308 GLN A CG  1 
ATOM   30  C  CD  . GLN A 1 13 ? 7.900   7.570   -0.450  1.00 36.94 ? 308 GLN A CD  1 
ATOM   31  O  OE1 . GLN A 1 13 ? 8.985   8.018   -0.099  1.00 36.89 ? 308 GLN A OE1 1 
ATOM   32  N  NE2 . GLN A 1 13 ? 7.657   6.260   -0.515  1.00 37.29 ? 308 GLN A NE2 1 
ATOM   33  N  N   . PRO A 1 14 ? 7.416   6.830   -3.792  1.00 38.15 ? 309 PRO A N   1 
ATOM   34  C  CA  . PRO A 1 14 ? 6.509   5.742   -4.187  1.00 38.16 ? 309 PRO A CA  1 
ATOM   35  C  C   . PRO A 1 14 ? 5.212   5.674   -3.378  1.00 38.92 ? 309 PRO A C   1 
ATOM   36  O  O   . PRO A 1 14 ? 5.241   5.789   -2.132  1.00 39.13 ? 309 PRO A O   1 
ATOM   37  C  CB  . PRO A 1 14 ? 7.372   4.493   -3.967  1.00 38.17 ? 309 PRO A CB  1 
ATOM   38  C  CG  . PRO A 1 14 ? 8.781   4.993   -4.348  1.00 36.38 ? 309 PRO A CG  1 
ATOM   39  C  CD  . PRO A 1 14 ? 8.823   6.388   -3.733  1.00 37.78 ? 309 PRO A CD  1 
ATOM   40  N  N   . SER A 1 15 ? 4.096   5.465   -4.091  1.00 38.41 ? 310 SER A N   1 
ATOM   41  C  CA  . SER A 1 15 ? 2.760   5.642   -3.530  1.00 39.71 ? 310 SER A CA  1 
ATOM   42  C  C   . SER A 1 15 ? 1.730   4.939   -4.387  1.00 38.68 ? 310 SER A C   1 
ATOM   43  O  O   . SER A 1 15 ? 1.958   4.687   -5.563  1.00 38.52 ? 310 SER A O   1 
ATOM   44  C  CB  . SER A 1 15 ? 2.433   7.127   -3.431  1.00 39.07 ? 310 SER A CB  1 
ATOM   45  O  OG  . SER A 1 15 ? 2.437   7.713   -4.720  1.00 41.96 ? 310 SER A OG  1 
ATOM   46  N  N   . CYS A 1 16 ? 0.602   4.607   -3.789  1.00 38.82 ? 311 CYS A N   1 
ATOM   47  C  CA  . CYS A 1 16 ? -0.491  4.013   -4.552  1.00 38.57 ? 311 CYS A CA  1 
ATOM   48  C  C   . CYS A 1 16 ? -1.814  4.509   -3.957  1.00 38.46 ? 311 CYS A C   1 
ATOM   49  O  O   . CYS A 1 16 ? -1.832  5.146   -2.893  1.00 38.41 ? 311 CYS A O   1 
ATOM   50  C  CB  . CYS A 1 16 ? -0.379  2.484   -4.500  1.00 39.54 ? 311 CYS A CB  1 
ATOM   51  S  SG  . CYS A 1 16 ? -0.537  1.823   -2.811  1.00 41.75 ? 311 CYS A SG  1 
ATOM   52  N  N   . LYS A 1 17 ? -2.896  4.275   -4.679  1.00 38.03 ? 312 LYS A N   1 
ATOM   53  C  CA  . LYS A 1 17 ? -4.205  4.680   -4.205  1.00 37.39 ? 312 LYS A CA  1 
ATOM   54  C  C   . LYS A 1 17 ? -5.031  3.434   -4.041  1.00 37.84 ? 312 LYS A C   1 
ATOM   55  O  O   . LYS A 1 17 ? -5.036  2.547   -4.918  1.00 37.24 ? 312 LYS A O   1 
ATOM   56  C  CB  . LYS A 1 17 ? -4.836  5.622   -5.211  1.00 38.53 ? 312 LYS A CB  1 
ATOM   57  C  CG  . LYS A 1 17 ? -6.032  6.392   -4.711  1.00 39.63 ? 312 LYS A CG  1 
ATOM   58  C  CD  . LYS A 1 17 ? -6.464  7.381   -5.776  1.00 40.53 ? 312 LYS A CD  1 
ATOM   59  C  CE  . LYS A 1 17 ? -7.643  8.187   -5.291  1.00 42.55 ? 312 LYS A CE  1 
ATOM   60  N  NZ  . LYS A 1 17 ? -7.889  9.387   -6.148  1.00 41.32 ? 312 LYS A NZ  1 
ATOM   61  N  N   . ALA A 1 18 ? -5.709  3.350   -2.899  1.00 36.72 ? 313 ALA A N   1 
ATOM   62  C  CA  . ALA A 1 18 ? -6.593  2.216   -2.622  1.00 38.25 ? 313 ALA A CA  1 
ATOM   63  C  C   . ALA A 1 18 ? -7.799  2.208   -3.535  1.00 37.74 ? 313 ALA A C   1 
ATOM   64  O  O   . ALA A 1 18 ? -8.492  3.236   -3.691  1.00 37.57 ? 313 ALA A O   1 
ATOM   65  C  CB  . ALA A 1 18 ? -7.031  2.232   -1.188  1.00 37.59 ? 313 ALA A CB  1 
ATOM   66  N  N   . LEU A 1 19 ? -8.045  1.055   -4.160  1.00 37.52 ? 314 LEU A N   1 
ATOM   67  C  CA  . LEU A 1 19 ? -9.215  0.876   -5.000  1.00 37.89 ? 314 LEU A CA  1 
ATOM   68  C  C   . LEU A 1 19 ? -10.424 0.467   -4.196  1.00 37.57 ? 314 LEU A C   1 
ATOM   69  O  O   . LEU A 1 19 ? -11.566 0.740   -4.605  1.00 37.63 ? 314 LEU A O   1 
ATOM   70  C  CB  . LEU A 1 19 ? -8.985  -0.151  -6.115  1.00 38.18 ? 314 LEU A CB  1 
ATOM   71  C  CG  . LEU A 1 19 ? -7.924  0.255   -7.141  1.00 38.55 ? 314 LEU A CG  1 
ATOM   72  C  CD1 . LEU A 1 19 ? -7.678  -0.916  -8.095  1.00 39.13 ? 314 LEU A CD1 1 
ATOM   73  C  CD2 . LEU A 1 19 ? -8.356  1.508   -7.923  1.00 41.06 ? 314 LEU A CD2 1 
ATOM   74  N  N   . TYR A 1 20 ? -10.172 -0.213  -3.066  1.00 38.46 ? 315 TYR A N   1 
ATOM   75  C  CA  . TYR A 1 20 ? -11.252 -0.773  -2.215  1.00 38.37 ? 315 TYR A CA  1 
ATOM   76  C  C   . TYR A 1 20 ? -10.852 -0.643  -0.746  1.00 38.95 ? 315 TYR A C   1 
ATOM   77  O  O   . TYR A 1 20 ? -9.678  -0.523  -0.422  1.00 39.32 ? 315 TYR A O   1 
ATOM   78  C  CB  . TYR A 1 20 ? -11.534 -2.268  -2.509  1.00 38.71 ? 315 TYR A CB  1 
ATOM   79  C  CG  . TYR A 1 20 ? -11.359 -2.656  -3.969  1.00 39.11 ? 315 TYR A CG  1 
ATOM   80  C  CD1 . TYR A 1 20 ? -12.339 -2.338  -4.915  1.00 40.29 ? 315 TYR A CD1 1 
ATOM   81  C  CD2 . TYR A 1 20 ? -10.216 -3.323  -4.398  1.00 37.45 ? 315 TYR A CD2 1 
ATOM   82  C  CE1 . TYR A 1 20 ? -12.184 -2.682  -6.255  1.00 40.80 ? 315 TYR A CE1 1 
ATOM   83  C  CE2 . TYR A 1 20 ? -10.040 -3.663  -5.742  1.00 39.07 ? 315 TYR A CE2 1 
ATOM   84  C  CZ  . TYR A 1 20 ? -11.026 -3.332  -6.657  1.00 42.48 ? 315 TYR A CZ  1 
ATOM   85  O  OH  . TYR A 1 20 ? -10.874 -3.668  -7.985  1.00 43.90 ? 315 TYR A OH  1 
ATOM   86  N  N   . ASP A 1 21 ? -11.832 -0.687  0.153   1.00 38.50 ? 316 ASP A N   1 
ATOM   87  C  CA  . ASP A 1 21 ? -11.509 -0.847  1.578   1.00 39.62 ? 316 ASP A CA  1 
ATOM   88  C  C   . ASP A 1 21 ? -10.767 -2.151  1.766   1.00 39.63 ? 316 ASP A C   1 
ATOM   89  O  O   . ASP A 1 21 ? -11.054 -3.138  1.075   1.00 39.35 ? 316 ASP A O   1 
ATOM   90  C  CB  . ASP A 1 21 ? -12.767 -0.958  2.437   1.00 38.79 ? 316 ASP A CB  1 
ATOM   91  C  CG  . ASP A 1 21 ? -13.599 0.304   2.449   1.00 39.41 ? 316 ASP A CG  1 
ATOM   92  O  OD1 . ASP A 1 21 ? -13.154 1.387   2.026   1.00 37.05 ? 316 ASP A OD1 1 
ATOM   93  O  OD2 . ASP A 1 21 ? -14.743 0.214   2.905   1.00 39.99 ? 316 ASP A OD2 1 
ATOM   94  N  N   . PHE A 1 22 ? -9.824  -2.149  2.707   1.00 40.51 ? 317 PHE A N   1 
ATOM   95  C  CA  . PHE A 1 22 ? -9.135  -3.363  3.113   1.00 40.15 ? 317 PHE A CA  1 
ATOM   96  C  C   . PHE A 1 22 ? -9.027  -3.375  4.634   1.00 40.77 ? 317 PHE A C   1 
ATOM   97  O  O   . PHE A 1 22 ? -8.481  -2.442  5.259   1.00 39.36 ? 317 PHE A O   1 
ATOM   98  C  CB  . PHE A 1 22 ? -7.752  -3.446  2.452   1.00 40.04 ? 317 PHE A CB  1 
ATOM   99  C  CG  . PHE A 1 22 ? -6.937  -4.661  2.858   1.00 40.06 ? 317 PHE A CG  1 
ATOM   100 C  CD1 . PHE A 1 22 ? -7.354  -5.959  2.520   1.00 36.52 ? 317 PHE A CD1 1 
ATOM   101 C  CD2 . PHE A 1 22 ? -5.711  -4.493  3.515   1.00 38.06 ? 317 PHE A CD2 1 
ATOM   102 C  CE1 . PHE A 1 22 ? -6.593  -7.081  2.900   1.00 38.68 ? 317 PHE A CE1 1 
ATOM   103 C  CE2 . PHE A 1 22 ? -4.930  -5.596  3.881   1.00 38.52 ? 317 PHE A CE2 1 
ATOM   104 C  CZ  . PHE A 1 22 ? -5.360  -6.892  3.564   1.00 36.56 ? 317 PHE A CZ  1 
ATOM   105 N  N   . GLU A 1 23 ? -9.576  -4.436  5.207   1.00 41.37 ? 318 GLU A N   1 
ATOM   106 C  CA  . GLU A 1 23 ? -9.557  -4.666  6.638   1.00 43.85 ? 318 GLU A CA  1 
ATOM   107 C  C   . GLU A 1 23 ? -8.474  -5.708  6.938   1.00 44.46 ? 318 GLU A C   1 
ATOM   108 O  O   . GLU A 1 23 ? -8.466  -6.784  6.330   1.00 44.43 ? 318 GLU A O   1 
ATOM   109 C  CB  . GLU A 1 23 ? -10.935 -5.129  7.101   1.00 45.00 ? 318 GLU A CB  1 
ATOM   110 C  CG  . GLU A 1 23 ? -12.016 -4.030  7.032   1.00 50.05 ? 318 GLU A CG  1 
ATOM   111 C  CD  . GLU A 1 23 ? -12.811 -3.965  5.698   1.00 57.10 ? 318 GLU A CD  1 
ATOM   112 O  OE1 . GLU A 1 23 ? -12.974 -4.988  4.971   1.00 56.75 ? 318 GLU A OE1 1 
ATOM   113 O  OE2 . GLU A 1 23 ? -13.317 -2.858  5.391   1.00 60.96 ? 318 GLU A OE2 1 
ATOM   114 N  N   . PRO A 1 24 ? -7.531  -5.385  7.848   1.00 44.84 ? 319 PRO A N   1 
ATOM   115 C  CA  . PRO A 1 24 ? -6.428  -6.324  8.061   1.00 45.00 ? 319 PRO A CA  1 
ATOM   116 C  C   . PRO A 1 24 ? -6.866  -7.595  8.809   1.00 45.34 ? 319 PRO A C   1 
ATOM   117 O  O   . PRO A 1 24 ? -7.757  -7.552  9.673   1.00 43.95 ? 319 PRO A O   1 
ATOM   118 C  CB  . PRO A 1 24 ? -5.420  -5.509  8.885   1.00 45.22 ? 319 PRO A CB  1 
ATOM   119 C  CG  . PRO A 1 24 ? -6.256  -4.468  9.613   1.00 45.62 ? 319 PRO A CG  1 
ATOM   120 C  CD  . PRO A 1 24 ? -7.459  -4.199  8.730   1.00 45.12 ? 319 PRO A CD  1 
ATOM   121 N  N   . GLU A 1 25 ? -6.253  -8.721  8.454   1.00 45.74 ? 320 GLU A N   1 
ATOM   122 C  CA  . GLU A 1 25 ? -6.564  -9.998  9.094   1.00 46.85 ? 320 GLU A CA  1 
ATOM   123 C  C   . GLU A 1 25 ? -5.687  -10.263 10.312  1.00 46.51 ? 320 GLU A C   1 
ATOM   124 O  O   . GLU A 1 25 ? -5.995  -11.123 11.145  1.00 46.61 ? 320 GLU A O   1 
ATOM   125 C  CB  . GLU A 1 25 ? -6.450  -11.145 8.082   1.00 47.61 ? 320 GLU A CB  1 
ATOM   126 C  CG  . GLU A 1 25 ? -7.546  -11.126 7.030   1.00 50.44 ? 320 GLU A CG  1 
ATOM   127 C  CD  . GLU A 1 25 ? -8.924  -10.888 7.634   1.00 54.64 ? 320 GLU A CD  1 
ATOM   128 O  OE1 . GLU A 1 25 ? -9.398  -11.756 8.397   1.00 55.17 ? 320 GLU A OE1 1 
ATOM   129 O  OE2 . GLU A 1 25 ? -9.531  -9.827  7.346   1.00 57.07 ? 320 GLU A OE2 1 
ATOM   130 N  N   . ASN A 1 26 ? -4.588  -9.518  10.388  1.00 46.58 ? 321 ASN A N   1 
ATOM   131 C  CA  . ASN A 1 26 ? -3.671  -9.549  11.521  1.00 46.45 ? 321 ASN A CA  1 
ATOM   132 C  C   . ASN A 1 26 ? -2.859  -8.256  11.564  1.00 46.16 ? 321 ASN A C   1 
ATOM   133 O  O   . ASN A 1 26 ? -2.917  -7.441  10.632  1.00 45.89 ? 321 ASN A O   1 
ATOM   134 C  CB  . ASN A 1 26 ? -2.749  -10.770 11.444  1.00 46.57 ? 321 ASN A CB  1 
ATOM   135 C  CG  . ASN A 1 26 ? -1.876  -10.755 10.213  1.00 47.45 ? 321 ASN A CG  1 
ATOM   136 O  OD1 . ASN A 1 26 ? -0.999  -9.898  10.072  1.00 50.60 ? 321 ASN A OD1 1 
ATOM   137 N  ND2 . ASN A 1 26 ? -2.112  -11.694 9.308   1.00 47.43 ? 321 ASN A ND2 1 
ATOM   138 N  N   . ASP A 1 27 ? -2.082  -8.092  12.634  1.00 45.67 ? 322 ASP A N   1 
ATOM   139 C  CA  . ASP A 1 27 ? -1.315  -6.864  12.888  1.00 45.55 ? 322 ASP A CA  1 
ATOM   140 C  C   . ASP A 1 27 ? -0.199  -6.611  11.879  1.00 44.63 ? 322 ASP A C   1 
ATOM   141 O  O   . ASP A 1 27 ? 0.344   -5.496  11.806  1.00 45.74 ? 322 ASP A O   1 
ATOM   142 C  CB  . ASP A 1 27 ? -0.761  -6.880  14.314  1.00 45.82 ? 322 ASP A CB  1 
ATOM   143 C  CG  . ASP A 1 27 ? -1.863  -6.963  15.362  1.00 48.46 ? 322 ASP A CG  1 
ATOM   144 O  OD1 . ASP A 1 27 ? -2.879  -6.248  15.209  1.00 51.64 ? 322 ASP A OD1 1 
ATOM   145 O  OD2 . ASP A 1 27 ? -1.719  -7.738  16.332  1.00 51.25 ? 322 ASP A OD2 1 
ATOM   146 N  N   . GLY A 1 28 ? 0.134   -7.635  11.092  1.00 43.12 ? 323 GLY A N   1 
ATOM   147 C  CA  . GLY A 1 28 ? 1.121   -7.481  10.018  1.00 41.49 ? 323 GLY A CA  1 
ATOM   148 C  C   . GLY A 1 28 ? 0.580   -6.716  8.812   1.00 40.33 ? 323 GLY A C   1 
ATOM   149 O  O   . GLY A 1 28 ? 1.339   -6.117  8.058   1.00 39.65 ? 323 GLY A O   1 
ATOM   150 N  N   . GLU A 1 29 ? -0.742  -6.738  8.642   1.00 39.86 ? 324 GLU A N   1 
ATOM   151 C  CA  . GLU A 1 29 ? -1.416  -6.132  7.486   1.00 39.44 ? 324 GLU A CA  1 
ATOM   152 C  C   . GLU A 1 29 ? -1.811  -4.695  7.760   1.00 39.49 ? 324 GLU A C   1 
ATOM   153 O  O   . GLU A 1 29 ? -2.163  -4.346  8.892   1.00 39.10 ? 324 GLU A O   1 
ATOM   154 C  CB  . GLU A 1 29 ? -2.679  -6.922  7.106   1.00 39.11 ? 324 GLU A CB  1 
ATOM   155 C  CG  . GLU A 1 29 ? -2.347  -8.318  6.607   1.00 40.96 ? 324 GLU A CG  1 
ATOM   156 C  CD  . GLU A 1 29 ? -3.520  -9.096  6.042   1.00 43.91 ? 324 GLU A CD  1 
ATOM   157 O  OE1 . GLU A 1 29 ? -4.704  -8.779  6.324   1.00 43.37 ? 324 GLU A OE1 1 
ATOM   158 O  OE2 . GLU A 1 29 ? -3.229  -10.060 5.313   1.00 45.28 ? 324 GLU A OE2 1 
ATOM   159 N  N   . LEU A 1 30 ? -1.765  -3.880  6.721   1.00 38.99 ? 325 LEU A N   1 
ATOM   160 C  CA  . LEU A 1 30 ? -2.129  -2.479  6.835   1.00 39.32 ? 325 LEU A CA  1 
ATOM   161 C  C   . LEU A 1 30 ? -3.533  -2.247  6.285   1.00 38.84 ? 325 LEU A C   1 
ATOM   162 O  O   . LEU A 1 30 ? -3.766  -2.451  5.086   1.00 39.70 ? 325 LEU A O   1 
ATOM   163 C  CB  . LEU A 1 30 ? -1.159  -1.610  6.048   1.00 40.19 ? 325 LEU A CB  1 
ATOM   164 C  CG  . LEU A 1 30 ? -1.423  -0.095  6.008   1.00 40.44 ? 325 LEU A CG  1 
ATOM   165 C  CD1 . LEU A 1 30 ? -1.189  0.570   7.352   1.00 43.73 ? 325 LEU A CD1 1 
ATOM   166 C  CD2 . LEU A 1 30 ? -0.533  0.546   4.932   1.00 41.63 ? 325 LEU A CD2 1 
ATOM   167 N  N   . GLY A 1 31 ? -4.446  -1.813  7.156   1.00 40.02 ? 326 GLY A N   1 
ATOM   168 C  CA  . GLY A 1 31 ? -5.799  -1.460  6.755   1.00 39.05 ? 326 GLY A CA  1 
ATOM   169 C  C   . GLY A 1 31 ? -5.935  -0.087  6.111   1.00 39.13 ? 326 GLY A C   1 
ATOM   170 O  O   . GLY A 1 31 ? -5.122  0.808   6.332   1.00 38.92 ? 326 GLY A O   1 
ATOM   171 N  N   . PHE A 1 32 ? -6.965  0.059   5.291   1.00 38.60 ? 327 PHE A N   1 
ATOM   172 C  CA  . PHE A 1 32 ? -7.192  1.320   4.592   1.00 37.78 ? 327 PHE A CA  1 
ATOM   173 C  C   . PHE A 1 32 ? -8.595  1.367   4.002   1.00 38.35 ? 327 PHE A C   1 
ATOM   174 O  O   . PHE A 1 32 ? -9.303  0.349   3.990   1.00 37.26 ? 327 PHE A O   1 
ATOM   175 C  CB  . PHE A 1 32 ? -6.092  1.608   3.546   1.00 38.15 ? 327 PHE A CB  1 
ATOM   176 C  CG  . PHE A 1 32 ? -5.872  0.499   2.531   1.00 38.62 ? 327 PHE A CG  1 
ATOM   177 C  CD1 . PHE A 1 32 ? -6.745  0.320   1.443   1.00 39.96 ? 327 PHE A CD1 1 
ATOM   178 C  CD2 . PHE A 1 32 ? -4.761  -0.337  2.649   1.00 37.05 ? 327 PHE A CD2 1 
ATOM   179 C  CE1 . PHE A 1 32 ? -6.521  -0.686  0.483   1.00 39.50 ? 327 PHE A CE1 1 
ATOM   180 C  CE2 . PHE A 1 32 ? -4.515  -1.347  1.690   1.00 38.19 ? 327 PHE A CE2 1 
ATOM   181 C  CZ  . PHE A 1 32 ? -5.405  -1.532  0.609   1.00 37.88 ? 327 PHE A CZ  1 
ATOM   182 N  N   . ARG A 1 33 ? -9.002  2.561   3.567   1.00 38.54 ? 328 ARG A N   1 
ATOM   183 C  CA  . ARG A 1 33 ? -10.306 2.762   2.957   1.00 38.88 ? 328 ARG A CA  1 
ATOM   184 C  C   . ARG A 1 33 ? -10.094 3.116   1.491   1.00 38.06 ? 328 ARG A C   1 
ATOM   185 O  O   . ARG A 1 33 ? -9.064  3.695   1.140   1.00 37.89 ? 328 ARG A O   1 
ATOM   186 C  CB  . ARG A 1 33 ? -11.048 3.917   3.621   1.00 40.36 ? 328 ARG A CB  1 
ATOM   187 C  CG  . ARG A 1 33 ? -11.022 3.892   5.151   1.00 42.60 ? 328 ARG A CG  1 
ATOM   188 C  CD  . ARG A 1 33 ? -11.539 2.565   5.716   1.00 49.52 ? 328 ARG A CD  1 
ATOM   189 N  NE  . ARG A 1 33 ? -12.974 2.379   5.572   1.00 53.89 ? 328 ARG A NE  1 
ATOM   190 C  CZ  . ARG A 1 33 ? -13.594 1.207   5.754   1.00 57.69 ? 328 ARG A CZ  1 
ATOM   191 N  NH1 . ARG A 1 33 ? -12.891 0.111   6.057   1.00 57.49 ? 328 ARG A NH1 1 
ATOM   192 N  NH2 . ARG A 1 33 ? -14.912 1.118   5.615   1.00 56.41 ? 328 ARG A NH2 1 
ATOM   193 N  N   . GLU A 1 34 ? -11.100 2.816   0.678   1.00 38.71 ? 329 GLU A N   1 
ATOM   194 C  CA  . GLU A 1 34 ? -11.110 3.188   -0.731  1.00 38.73 ? 329 GLU A CA  1 
ATOM   195 C  C   . GLU A 1 34 ? -10.699 4.646   -0.868  1.00 38.18 ? 329 GLU A C   1 
ATOM   196 O  O   . GLU A 1 34 ? -11.186 5.508   -0.139  1.00 37.42 ? 329 GLU A O   1 
ATOM   197 C  CB  . GLU A 1 34 ? -12.508 2.996   -1.347  1.00 39.55 ? 329 GLU A CB  1 
ATOM   198 C  CG  . GLU A 1 34 ? -12.558 3.513   -2.802  1.00 42.29 ? 329 GLU A CG  1 
ATOM   199 C  CD  . GLU A 1 34 ? -13.909 3.339   -3.464  1.00 47.37 ? 329 GLU A CD  1 
ATOM   200 O  OE1 . GLU A 1 34 ? -14.879 2.898   -2.793  1.00 49.49 ? 329 GLU A OE1 1 
ATOM   201 O  OE2 . GLU A 1 34 ? -14.011 3.660   -4.672  1.00 48.23 ? 329 GLU A OE2 1 
ATOM   202 N  N   . GLY A 1 35 ? -9.783  4.902   -1.790  1.00 37.41 ? 330 GLY A N   1 
ATOM   203 C  CA  . GLY A 1 35 ? -9.364  6.258   -2.098  1.00 37.79 ? 330 GLY A CA  1 
ATOM   204 C  C   . GLY A 1 35 ? -8.159  6.761   -1.322  1.00 38.15 ? 330 GLY A C   1 
ATOM   205 O  O   . GLY A 1 35 ? -7.622  7.794   -1.669  1.00 38.02 ? 330 GLY A O   1 
ATOM   206 N  N   . ASP A 1 36 ? -7.756  6.062   -0.255  1.00 38.70 ? 331 ASP A N   1 
ATOM   207 C  CA  . ASP A 1 36 ? -6.575  6.480   0.544   1.00 40.08 ? 331 ASP A CA  1 
ATOM   208 C  C   . ASP A 1 36 ? -5.291  6.477   -0.267  1.00 40.16 ? 331 ASP A C   1 
ATOM   209 O  O   . ASP A 1 36 ? -5.072  5.583   -1.082  1.00 40.82 ? 331 ASP A O   1 
ATOM   210 C  CB  . ASP A 1 36 ? -6.397  5.570   1.768   1.00 40.15 ? 331 ASP A CB  1 
ATOM   211 C  CG  . ASP A 1 36 ? -7.439  5.825   2.872   1.00 40.81 ? 331 ASP A CG  1 
ATOM   212 O  OD1 . ASP A 1 36 ? -8.158  6.852   2.865   1.00 43.23 ? 331 ASP A OD1 1 
ATOM   213 O  OD2 . ASP A 1 36 ? -7.555  4.966   3.777   1.00 39.17 ? 331 ASP A OD2 1 
ATOM   214 N  N   . LEU A 1 37 ? -4.436  7.466   -0.006  1.00 39.73 ? 332 LEU A N   1 
ATOM   215 C  CA  . LEU A 1 37 ? -3.126  7.555   -0.629  1.00 41.09 ? 332 LEU A CA  1 
ATOM   216 C  C   . LEU A 1 37 ? -2.142  6.883   0.319   1.00 40.23 ? 332 LEU A C   1 
ATOM   217 O  O   . LEU A 1 37 ? -1.894  7.377   1.428   1.00 40.73 ? 332 LEU A O   1 
ATOM   218 C  CB  . LEU A 1 37 ? -2.762  9.015   -0.864  1.00 40.82 ? 332 LEU A CB  1 
ATOM   219 C  CG  . LEU A 1 37 ? -3.438  9.751   -2.044  1.00 45.64 ? 332 LEU A CG  1 
ATOM   220 C  CD1 . LEU A 1 37 ? -4.753  9.159   -2.551  1.00 48.75 ? 332 LEU A CD1 1 
ATOM   221 C  CD2 . LEU A 1 37 ? -3.601  11.271  -1.773  1.00 47.12 ? 332 LEU A CD2 1 
ATOM   222 N  N   . ILE A 1 38 ? -1.612  5.751   -0.128  1.00 40.44 ? 333 ILE A N   1 
ATOM   223 C  CA  . ILE A 1 38 ? -0.757  4.899   0.686   1.00 40.30 ? 333 ILE A CA  1 
ATOM   224 C  C   . ILE A 1 38 ? 0.676   5.094   0.239   1.00 40.12 ? 333 ILE A C   1 
ATOM   225 O  O   . ILE A 1 38 ? 0.973   5.154   -0.967  1.00 41.15 ? 333 ILE A O   1 
ATOM   226 C  CB  . ILE A 1 38 ? -1.162  3.407   0.525   1.00 39.83 ? 333 ILE A CB  1 
ATOM   227 C  CG1 . ILE A 1 38 ? -2.616  3.207   0.978   1.00 41.50 ? 333 ILE A CG1 1 
ATOM   228 C  CG2 . ILE A 1 38 ? -0.237  2.478   1.344   1.00 40.47 ? 333 ILE A CG2 1 
ATOM   229 C  CD1 . ILE A 1 38 ? -3.255  1.960   0.416   1.00 40.35 ? 333 ILE A CD1 1 
ATOM   230 N  N   . THR A 1 39 ? 1.567   5.231   1.211   1.00 39.95 ? 334 THR A N   1 
ATOM   231 C  CA  . THR A 1 39 ? 2.983   5.324   0.918   1.00 38.55 ? 334 THR A CA  1 
ATOM   232 C  C   . THR A 1 39 ? 3.530   3.922   0.620   1.00 39.10 ? 334 THR A C   1 
ATOM   233 O  O   . THR A 1 39 ? 3.386   3.023   1.446   1.00 38.71 ? 334 THR A O   1 
ATOM   234 C  CB  . THR A 1 39 ? 3.685   5.934   2.148   1.00 39.18 ? 334 THR A CB  1 
ATOM   235 O  OG1 . THR A 1 39 ? 3.165   7.259   2.399   1.00 38.93 ? 334 THR A OG1 1 
ATOM   236 C  CG2 . THR A 1 39 ? 5.199   6.037   1.943   1.00 38.36 ? 334 THR A CG2 1 
ATOM   237 N  N   . LEU A 1 40 ? 4.207   3.730   -0.519  1.00 38.43 ? 335 LEU A N   1 
ATOM   238 C  CA  . LEU A 1 40 ? 4.801   2.412   -0.799  1.00 38.97 ? 335 LEU A CA  1 
ATOM   239 C  C   . LEU A 1 40 ? 6.210   2.342   -0.254  1.00 38.51 ? 335 LEU A C   1 
ATOM   240 O  O   . LEU A 1 40 ? 6.976   3.269   -0.447  1.00 37.78 ? 335 LEU A O   1 
ATOM   241 C  CB  . LEU A 1 40 ? 4.861   2.138   -2.312  1.00 37.87 ? 335 LEU A CB  1 
ATOM   242 C  CG  . LEU A 1 40 ? 3.528   1.743   -2.963  1.00 39.14 ? 335 LEU A CG  1 
ATOM   243 C  CD1 . LEU A 1 40 ? 3.755   1.656   -4.450  1.00 36.53 ? 335 LEU A CD1 1 
ATOM   244 C  CD2 . LEU A 1 40 ? 2.970   0.416   -2.451  1.00 41.81 ? 335 LEU A CD2 1 
ATOM   245 N  N   . THR A 1 41 ? 6.548   1.262   0.462   1.00 38.52 ? 336 THR A N   1 
ATOM   246 C  CA  . THR A 1 41 ? 7.924   1.119   0.987   1.00 38.26 ? 336 THR A CA  1 
ATOM   247 C  C   . THR A 1 41 ? 8.681   -0.108  0.445   1.00 38.34 ? 336 THR A C   1 
ATOM   248 O  O   . THR A 1 41 ? 9.918   -0.136  0.426   1.00 37.37 ? 336 THR A O   1 
ATOM   249 C  CB  . THR A 1 41 ? 7.940   1.093   2.529   1.00 39.01 ? 336 THR A CB  1 
ATOM   250 O  OG1 . THR A 1 41 ? 7.206   -0.061  2.993   1.00 39.51 ? 336 THR A OG1 1 
ATOM   251 C  CG2 . THR A 1 41 ? 7.310   2.359   3.112   1.00 35.76 ? 336 THR A CG2 1 
ATOM   252 N  N   . ASN A 1 42 ? 7.949   -1.137  0.036   1.00 38.51 ? 337 ASN A N   1 
ATOM   253 C  CA  . ASN A 1 42 ? 8.584   -2.326  -0.520  1.00 39.66 ? 337 ASN A CA  1 
ATOM   254 C  C   . ASN A 1 42 ? 7.605   -3.185  -1.305  1.00 39.84 ? 337 ASN A C   1 
ATOM   255 O  O   . ASN A 1 42 ? 6.411   -3.132  -1.060  1.00 39.96 ? 337 ASN A O   1 
ATOM   256 C  CB  . ASN A 1 42 ? 9.216   -3.144  0.608   1.00 40.23 ? 337 ASN A CB  1 
ATOM   257 C  CG  . ASN A 1 42 ? 9.990   -4.328  0.101   1.00 43.27 ? 337 ASN A CG  1 
ATOM   258 O  OD1 . ASN A 1 42 ? 10.777  -4.232  -0.850  1.00 45.62 ? 337 ASN A OD1 1 
ATOM   259 N  ND2 . ASN A 1 42 ? 9.781   -5.466  0.739   1.00 47.22 ? 337 ASN A ND2 1 
ATOM   260 N  N   . GLN A 1 43 ? 8.102   -3.970  -2.255  1.00 39.84 ? 338 GLN A N   1 
ATOM   261 C  CA  . GLN A 1 43 ? 7.239   -5.000  -2.835  1.00 40.29 ? 338 GLN A CA  1 
ATOM   262 C  C   . GLN A 1 43 ? 7.761   -6.354  -2.379  1.00 40.50 ? 338 GLN A C   1 
ATOM   263 O  O   . GLN A 1 43 ? 8.893   -6.707  -2.651  1.00 39.88 ? 338 GLN A O   1 
ATOM   264 C  CB  . GLN A 1 43 ? 7.156   -4.900  -4.364  1.00 40.92 ? 338 GLN A CB  1 
ATOM   265 C  CG  . GLN A 1 43 ? 6.243   -5.983  -4.969  1.00 42.11 ? 338 GLN A CG  1 
ATOM   266 C  CD  . GLN A 1 43 ? 5.956   -5.795  -6.456  1.00 45.41 ? 338 GLN A CD  1 
ATOM   267 O  OE1 . GLN A 1 43 ? 6.366   -4.805  -7.059  1.00 45.74 ? 338 GLN A OE1 1 
ATOM   268 N  NE2 . GLN A 1 43 ? 5.236   -6.752  -7.050  1.00 43.30 ? 338 GLN A NE2 1 
ATOM   269 N  N   . ILE A 1 44 ? 6.927   -7.097  -1.655  1.00 40.39 ? 339 ILE A N   1 
ATOM   270 C  CA  . ILE A 1 44 ? 7.333   -8.407  -1.130  1.00 40.59 ? 339 ILE A CA  1 
ATOM   271 C  C   . ILE A 1 44 ? 7.386   -9.436  -2.236  1.00 39.56 ? 339 ILE A C   1 
ATOM   272 O  O   . ILE A 1 44 ? 8.380   -10.152 -2.403  1.00 39.83 ? 339 ILE A O   1 
ATOM   273 C  CB  . ILE A 1 44 ? 6.355   -8.879  -0.008  1.00 41.09 ? 339 ILE A CB  1 
ATOM   274 C  CG1 . ILE A 1 44 ? 6.368   -7.882  1.151   1.00 42.81 ? 339 ILE A CG1 1 
ATOM   275 C  CG2 . ILE A 1 44 ? 6.719   -10.283 0.470   1.00 42.79 ? 339 ILE A CG2 1 
ATOM   276 C  CD1 . ILE A 1 44 ? 7.689   -7.836  1.873   1.00 47.16 ? 339 ILE A CD1 1 
ATOM   277 N  N   . ASP A 1 45 ? 6.309   -9.526  -3.000  1.00 39.36 ? 340 ASP A N   1 
ATOM   278 C  CA  . ASP A 1 45 ? 6.271   -10.446 -4.122  1.00 38.88 ? 340 ASP A CA  1 
ATOM   279 C  C   . ASP A 1 45 ? 5.304   -9.936  -5.175  1.00 38.61 ? 340 ASP A C   1 
ATOM   280 O  O   . ASP A 1 45 ? 4.898   -8.775  -5.145  1.00 37.80 ? 340 ASP A O   1 
ATOM   281 C  CB  . ASP A 1 45 ? 5.956   -11.893 -3.678  1.00 39.18 ? 340 ASP A CB  1 
ATOM   282 C  CG  . ASP A 1 45 ? 4.532   -12.074 -3.100  1.00 38.65 ? 340 ASP A CG  1 
ATOM   283 O  OD1 . ASP A 1 45 ? 3.722   -11.139 -3.066  1.00 40.46 ? 340 ASP A OD1 1 
ATOM   284 O  OD2 . ASP A 1 45 ? 4.223   -13.207 -2.682  1.00 38.23 ? 340 ASP A OD2 1 
ATOM   285 N  N   . GLU A 1 46 ? 4.947   -10.810 -6.106  1.00 38.54 ? 341 GLU A N   1 
ATOM   286 C  CA  . GLU A 1 46 ? 4.105   -10.441 -7.226  1.00 38.83 ? 341 GLU A CA  1 
ATOM   287 C  C   . GLU A 1 46 ? 2.741   -9.941  -6.791  1.00 38.44 ? 341 GLU A C   1 
ATOM   288 O  O   . GLU A 1 46 ? 2.092   -9.208  -7.529  1.00 39.53 ? 341 GLU A O   1 
ATOM   289 C  CB  . GLU A 1 46 ? 3.982   -11.601 -8.207  1.00 39.21 ? 341 GLU A CB  1 
ATOM   290 C  CG  . GLU A 1 46 ? 5.311   -11.913 -8.921  1.00 43.74 ? 341 GLU A CG  1 
ATOM   291 C  CD  . GLU A 1 46 ? 6.215   -12.904 -8.163  1.00 47.49 ? 341 GLU A CD  1 
ATOM   292 O  OE1 . GLU A 1 46 ? 5.899   -13.274 -7.005  1.00 48.66 ? 341 GLU A OE1 1 
ATOM   293 O  OE2 . GLU A 1 46 ? 7.252   -13.320 -8.736  1.00 50.13 ? 341 GLU A OE2 1 
ATOM   294 N  N   . ASN A 1 47 ? 2.354   -10.282 -5.563  1.00 37.04 ? 342 ASN A N   1 
ATOM   295 C  CA  . ASN A 1 47 ? 0.983   -10.040 -5.090  1.00 36.95 ? 342 ASN A CA  1 
ATOM   296 C  C   . ASN A 1 47 ? 0.854   -9.161  -3.861  1.00 36.69 ? 342 ASN A C   1 
ATOM   297 O  O   . ASN A 1 47 ? -0.254  -8.779  -3.514  1.00 36.44 ? 342 ASN A O   1 
ATOM   298 C  CB  . ASN A 1 47 ? 0.303   -11.373 -4.804  1.00 36.37 ? 342 ASN A CB  1 
ATOM   299 C  CG  . ASN A 1 47 ? 0.303   -12.289 -6.004  1.00 36.98 ? 342 ASN A CG  1 
ATOM   300 O  OD1 . ASN A 1 47 ? 0.882   -13.382 -5.976  1.00 38.52 ? 342 ASN A OD1 1 
ATOM   301 N  ND2 . ASN A 1 47 ? -0.327  -11.839 -7.077  1.00 37.72 ? 342 ASN A ND2 1 
ATOM   302 N  N   . TRP A 1 48 ? 1.972   -8.843  -3.206  1.00 37.09 ? 343 TRP A N   1 
ATOM   303 C  CA  . TRP A 1 48 ? 1.930   -8.154  -1.917  1.00 37.11 ? 343 TRP A CA  1 
ATOM   304 C  C   . TRP A 1 48 ? 2.908   -6.990  -1.805  1.00 37.92 ? 343 TRP A C   1 
ATOM   305 O  O   . TRP A 1 48 ? 4.086   -7.138  -2.158  1.00 37.60 ? 343 TRP A O   1 
ATOM   306 C  CB  . TRP A 1 48 ? 2.222   -9.141  -0.790  1.00 38.14 ? 343 TRP A CB  1 
ATOM   307 C  CG  . TRP A 1 48 ? 1.109   -10.140 -0.568  1.00 39.44 ? 343 TRP A CG  1 
ATOM   308 C  CD1 . TRP A 1 48 ? 0.961   -11.356 -1.170  1.00 40.25 ? 343 TRP A CD1 1 
ATOM   309 C  CD2 . TRP A 1 48 ? -0.026  -9.969  0.283   1.00 41.41 ? 343 TRP A CD2 1 
ATOM   310 N  NE1 . TRP A 1 48 ? -0.190  -11.968 -0.724  1.00 41.17 ? 343 TRP A NE1 1 
ATOM   311 C  CE2 . TRP A 1 48 ? -0.808  -11.135 0.175   1.00 42.73 ? 343 TRP A CE2 1 
ATOM   312 C  CE3 . TRP A 1 48 ? -0.438  -8.952  1.154   1.00 42.36 ? 343 TRP A CE3 1 
ATOM   313 C  CZ2 . TRP A 1 48 ? -2.000  -11.305 0.892   1.00 42.83 ? 343 TRP A CZ2 1 
ATOM   314 C  CZ3 . TRP A 1 48 ? -1.620  -9.126  1.876   1.00 45.18 ? 343 TRP A CZ3 1 
ATOM   315 C  CH2 . TRP A 1 48 ? -2.384  -10.292 1.734   1.00 42.62 ? 343 TRP A CH2 1 
ATOM   316 N  N   . TYR A 1 49 ? 2.417   -5.867  -1.280  1.00 38.35 ? 344 TYR A N   1 
ATOM   317 C  CA  . TYR A 1 49 ? 3.216   -4.673  -1.021  1.00 38.55 ? 344 TYR A CA  1 
ATOM   318 C  C   . TYR A 1 49 ? 3.365   -4.485  0.470   1.00 38.70 ? 344 TYR A C   1 
ATOM   319 O  O   . TYR A 1 49 ? 2.591   -5.070  1.262   1.00 38.50 ? 344 TYR A O   1 
ATOM   320 C  CB  . TYR A 1 49 ? 2.511   -3.414  -1.537  1.00 38.79 ? 344 TYR A CB  1 
ATOM   321 C  CG  . TYR A 1 49 ? 2.665   -3.086  -3.000  1.00 41.48 ? 344 TYR A CG  1 
ATOM   322 C  CD1 . TYR A 1 49 ? 3.936   -3.022  -3.593  1.00 42.10 ? 344 TYR A CD1 1 
ATOM   323 C  CD2 . TYR A 1 49 ? 1.548   -2.758  -3.774  1.00 42.35 ? 344 TYR A CD2 1 
ATOM   324 C  CE1 . TYR A 1 49 ? 4.091   -2.724  -4.936  1.00 44.95 ? 344 TYR A CE1 1 
ATOM   325 C  CE2 . TYR A 1 49 ? 1.694   -2.445  -5.145  1.00 41.43 ? 344 TYR A CE2 1 
ATOM   326 C  CZ  . TYR A 1 49 ? 2.963   -2.423  -5.704  1.00 45.41 ? 344 TYR A CZ  1 
ATOM   327 O  OH  . TYR A 1 49 ? 3.117   -2.108  -7.033  1.00 46.41 ? 344 TYR A OH  1 
ATOM   328 N  N   A GLU A 1 50 ? 4.360   -3.686  0.851   0.50 38.95 ? 345 GLU A N   1 
ATOM   329 N  N   B GLU A 1 50 ? 4.368   -3.693  0.851   0.50 38.98 ? 345 GLU A N   1 
ATOM   330 C  CA  A GLU A 1 50 ? 4.460   -3.122  2.197   0.50 38.79 ? 345 GLU A CA  1 
ATOM   331 C  CA  B GLU A 1 50 ? 4.469   -3.108  2.191   0.50 38.87 ? 345 GLU A CA  1 
ATOM   332 C  C   A GLU A 1 50 ? 4.351   -1.622  2.009   0.50 38.82 ? 345 GLU A C   1 
ATOM   333 C  C   B GLU A 1 50 ? 4.311   -1.620  1.983   0.50 38.84 ? 345 GLU A C   1 
ATOM   334 O  O   A GLU A 1 50 ? 4.838   -1.074  1.010   0.50 37.86 ? 345 GLU A O   1 
ATOM   335 O  O   B GLU A 1 50 ? 4.743   -1.073  0.958   0.50 37.87 ? 345 GLU A O   1 
ATOM   336 C  CB  A GLU A 1 50 ? 5.810   -3.435  2.833   0.50 38.88 ? 345 GLU A CB  1 
ATOM   337 C  CB  B GLU A 1 50 ? 5.844   -3.340  2.806   0.50 38.88 ? 345 GLU A CB  1 
ATOM   338 C  CG  A GLU A 1 50 ? 5.879   -3.095  4.313   0.50 39.22 ? 345 GLU A CG  1 
ATOM   339 C  CG  B GLU A 1 50 ? 6.357   -4.755  2.678   0.50 39.87 ? 345 GLU A CG  1 
ATOM   340 C  CD  A GLU A 1 50 ? 7.233   -3.375  4.934   0.50 40.98 ? 345 GLU A CD  1 
ATOM   341 C  CD  B GLU A 1 50 ? 7.664   -4.974  3.403   0.50 40.69 ? 345 GLU A CD  1 
ATOM   342 O  OE1 A GLU A 1 50 ? 8.171   -3.753  4.195   0.50 41.57 ? 345 GLU A OE1 1 
ATOM   343 O  OE1 B GLU A 1 50 ? 7.824   -4.523  4.556   0.50 41.95 ? 345 GLU A OE1 1 
ATOM   344 O  OE2 A GLU A 1 50 ? 7.356   -3.226  6.171   0.50 39.27 ? 345 GLU A OE2 1 
ATOM   345 O  OE2 B GLU A 1 50 ? 8.539   -5.614  2.817   0.50 43.20 ? 345 GLU A OE2 1 
ATOM   346 N  N   . GLY A 1 51 ? 3.721   -0.941  2.959   1.00 38.58 ? 346 GLY A N   1 
ATOM   347 C  CA  . GLY A 1 51 ? 3.641   0.497   2.877   1.00 38.85 ? 346 GLY A CA  1 
ATOM   348 C  C   . GLY A 1 51 ? 3.212   1.091   4.180   1.00 39.12 ? 346 GLY A C   1 
ATOM   349 O  O   . GLY A 1 51 ? 3.174   0.409   5.219   1.00 40.07 ? 346 GLY A O   1 
HETATM 350 N  N   . MSE A 1 52 ? 2.851   2.365   4.101   1.00 38.41 ? 347 MSE A N   1 
HETATM 351 C  CA  . MSE A 1 52 ? 2.486   3.125   5.293   1.00 38.21 ? 347 MSE A CA  1 
HETATM 352 C  C   . MSE A 1 52 ? 1.243   3.978   5.032   1.00 38.65 ? 347 MSE A C   1 
HETATM 353 O  O   . MSE A 1 52 ? 1.011   4.466   3.911   1.00 39.20 ? 347 MSE A O   1 
HETATM 354 C  CB  . MSE A 1 52 ? 3.666   4.013   5.694   1.00 36.59 ? 347 MSE A CB  1 
HETATM 355 C  CG  . MSE A 1 52 ? 4.841   3.210   6.181   1.00 37.23 ? 347 MSE A CG  1 
HETATM 356 SE SE  . MSE A 1 52 ? 6.341   4.373   6.551   1.00 40.86 ? 347 MSE A SE  1 
HETATM 357 C  CE  . MSE A 1 52 ? 5.767   5.164   8.234   1.00 36.75 ? 347 MSE A CE  1 
ATOM   358 N  N   . LEU A 1 53 ? 0.435   4.144   6.073   1.00 37.76 ? 348 LEU A N   1 
ATOM   359 C  CA  . LEU A 1 53 ? -0.683  5.082   6.039   1.00 37.84 ? 348 LEU A CA  1 
ATOM   360 C  C   . LEU A 1 53 ? -0.915  5.604   7.445   1.00 37.64 ? 348 LEU A C   1 
ATOM   361 O  O   . LEU A 1 53 ? -0.961  4.820   8.403   1.00 37.66 ? 348 LEU A O   1 
ATOM   362 C  CB  . LEU A 1 53 ? -1.951  4.419   5.485   1.00 37.60 ? 348 LEU A CB  1 
ATOM   363 C  CG  . LEU A 1 53 ? -3.238  5.234   5.455   1.00 39.88 ? 348 LEU A CG  1 
ATOM   364 C  CD1 . LEU A 1 53 ? -3.194  6.370   4.433   1.00 41.33 ? 348 LEU A CD1 1 
ATOM   365 C  CD2 . LEU A 1 53 ? -4.373  4.263   5.098   1.00 39.22 ? 348 LEU A CD2 1 
ATOM   366 N  N   . HIS A 1 54 ? -1.026  6.926   7.562   1.00 37.94 ? 349 HIS A N   1 
ATOM   367 C  CA  . HIS A 1 54 ? -1.170  7.619   8.853   1.00 37.74 ? 349 HIS A CA  1 
ATOM   368 C  C   . HIS A 1 54 ? -0.076  7.186   9.814   1.00 37.55 ? 349 HIS A C   1 
ATOM   369 O  O   . HIS A 1 54 ? -0.322  7.040   11.011  1.00 37.92 ? 349 HIS A O   1 
ATOM   370 C  CB  . HIS A 1 54 ? -2.547  7.331   9.459   1.00 38.60 ? 349 HIS A CB  1 
ATOM   371 C  CG  . HIS A 1 54 ? -3.668  7.559   8.497   1.00 40.28 ? 349 HIS A CG  1 
ATOM   372 N  ND1 . HIS A 1 54 ? -4.707  6.667   8.334   1.00 43.07 ? 349 HIS A ND1 1 
ATOM   373 C  CD2 . HIS A 1 54 ? -3.874  8.550   7.596   1.00 39.92 ? 349 HIS A CD2 1 
ATOM   374 C  CE1 . HIS A 1 54 ? -5.531  7.125   7.407   1.00 43.11 ? 349 HIS A CE1 1 
ATOM   375 N  NE2 . HIS A 1 54 ? -5.039  8.259   6.933   1.00 45.37 ? 349 HIS A NE2 1 
ATOM   376 N  N   . GLY A 1 55 ? 1.121   6.952   9.269   1.00 38.08 ? 350 GLY A N   1 
ATOM   377 C  CA  . GLY A 1 55 ? 2.276   6.575   10.073  1.00 38.43 ? 350 GLY A CA  1 
ATOM   378 C  C   . GLY A 1 55 ? 2.357   5.111   10.478  1.00 38.46 ? 350 GLY A C   1 
ATOM   379 O  O   . GLY A 1 55 ? 3.364   4.687   11.041  1.00 38.56 ? 350 GLY A O   1 
ATOM   380 N  N   . GLN A 1 56 ? 1.304   4.344   10.196  1.00 39.22 ? 351 GLN A N   1 
ATOM   381 C  CA  . GLN A 1 56 ? 1.288   2.924   10.526  1.00 39.97 ? 351 GLN A CA  1 
ATOM   382 C  C   . GLN A 1 56 ? 1.835   2.166   9.329   1.00 39.30 ? 351 GLN A C   1 
ATOM   383 O  O   . GLN A 1 56 ? 1.730   2.652   8.193   1.00 37.28 ? 351 GLN A O   1 
ATOM   384 C  CB  . GLN A 1 56 ? -0.131  2.449   10.863  1.00 40.40 ? 351 GLN A CB  1 
ATOM   385 C  CG  . GLN A 1 56 ? -0.739  3.139   12.078  1.00 42.68 ? 351 GLN A CG  1 
ATOM   386 C  CD  . GLN A 1 56 ? 0.097   2.924   13.346  1.00 45.64 ? 351 GLN A CD  1 
ATOM   387 O  OE1 . GLN A 1 56 ? 0.592   1.824   13.594  1.00 49.19 ? 351 GLN A OE1 1 
ATOM   388 N  NE2 . GLN A 1 56 ? 0.245   3.971   14.153  1.00 46.25 ? 351 GLN A NE2 1 
ATOM   389 N  N   . SER A 1 57 ? 2.425   0.996   9.579   1.00 39.01 ? 352 SER A N   1 
ATOM   390 C  CA  . SER A 1 57 ? 3.045   0.222   8.499   1.00 39.06 ? 352 SER A CA  1 
ATOM   391 C  C   . SER A 1 57 ? 2.441   -1.178  8.418   1.00 38.42 ? 352 SER A C   1 
ATOM   392 O  O   . SER A 1 57 ? 2.008   -1.740  9.429   1.00 38.54 ? 352 SER A O   1 
ATOM   393 C  CB  . SER A 1 57 ? 4.548   0.108   8.740   1.00 40.13 ? 352 SER A CB  1 
ATOM   394 O  OG  . SER A 1 57 ? 5.126   1.387   8.965   1.00 41.51 ? 352 SER A OG  1 
ATOM   395 N  N   . GLY A 1 58 ? 2.445   -1.760  7.227   1.00 39.01 ? 353 GLY A N   1 
ATOM   396 C  CA  . GLY A 1 58 ? 2.046   -3.165  7.113   1.00 38.24 ? 353 GLY A CA  1 
ATOM   397 C  C   . GLY A 1 58 ? 2.011   -3.610  5.669   1.00 38.28 ? 353 GLY A C   1 
ATOM   398 O  O   . GLY A 1 58 ? 2.354   -2.829  4.762   1.00 38.43 ? 353 GLY A O   1 
ATOM   399 N  N   . PHE A 1 59 ? 1.575   -4.856  5.466   1.00 38.38 ? 354 PHE A N   1 
ATOM   400 C  CA  . PHE A 1 59 ? 1.512   -5.489  4.154   1.00 39.26 ? 354 PHE A CA  1 
ATOM   401 C  C   . PHE A 1 59 ? 0.079   -5.387  3.634   1.00 39.06 ? 354 PHE A C   1 
ATOM   402 O  O   . PHE A 1 59 ? -0.856  -5.377  4.407   1.00 38.94 ? 354 PHE A O   1 
ATOM   403 C  CB  . PHE A 1 59 ? 1.889   -6.977  4.231   1.00 40.14 ? 354 PHE A CB  1 
ATOM   404 C  CG  . PHE A 1 59 ? 3.215   -7.247  4.859   1.00 43.59 ? 354 PHE A CG  1 
ATOM   405 C  CD1 . PHE A 1 59 ? 4.316   -6.436  4.590   1.00 45.33 ? 354 PHE A CD1 1 
ATOM   406 C  CD2 . PHE A 1 59 ? 3.383   -8.335  5.709   1.00 45.32 ? 354 PHE A CD2 1 
ATOM   407 C  CE1 . PHE A 1 59 ? 5.560   -6.693  5.169   1.00 46.06 ? 354 PHE A CE1 1 
ATOM   408 C  CE2 . PHE A 1 59 ? 4.635   -8.608  6.288   1.00 47.96 ? 354 PHE A CE2 1 
ATOM   409 C  CZ  . PHE A 1 59 ? 5.726   -7.779  6.011   1.00 47.45 ? 354 PHE A CZ  1 
ATOM   410 N  N   . PHE A 1 60 ? -0.107  -5.376  2.325   1.00 39.08 ? 355 PHE A N   1 
ATOM   411 C  CA  . PHE A 1 60 ? -1.481  -5.404  1.779   1.00 38.30 ? 355 PHE A CA  1 
ATOM   412 C  C   . PHE A 1 60 ? -1.372  -5.898  0.337   1.00 37.92 ? 355 PHE A C   1 
ATOM   413 O  O   . PHE A 1 60 ? -0.291  -5.839  -0.239  1.00 38.44 ? 355 PHE A O   1 
ATOM   414 C  CB  . PHE A 1 60 ? -2.103  -3.995  1.804   1.00 38.71 ? 355 PHE A CB  1 
ATOM   415 C  CG  . PHE A 1 60 ? -1.239  -2.946  1.167   1.00 39.33 ? 355 PHE A CG  1 
ATOM   416 C  CD1 . PHE A 1 60 ? -1.354  -2.634  -0.198  1.00 38.40 ? 355 PHE A CD1 1 
ATOM   417 C  CD2 . PHE A 1 60 ? -0.295  -2.259  1.924   1.00 40.05 ? 355 PHE A CD2 1 
ATOM   418 C  CE1 . PHE A 1 60 ? -0.545  -1.639  -0.776  1.00 38.62 ? 355 PHE A CE1 1 
ATOM   419 C  CE2 . PHE A 1 60 ? 0.535   -1.277  1.335   1.00 40.04 ? 355 PHE A CE2 1 
ATOM   420 C  CZ  . PHE A 1 60 ? 0.412   -0.970  -0.017  1.00 38.76 ? 355 PHE A CZ  1 
ATOM   421 N  N   . PRO A 1 61 ? -2.492  -6.374  -0.248  1.00 38.08 ? 356 PRO A N   1 
ATOM   422 C  CA  . PRO A 1 61 ? -2.402  -6.952  -1.596  1.00 37.78 ? 356 PRO A CA  1 
ATOM   423 C  C   . PRO A 1 61 ? -2.254  -5.919  -2.711  1.00 38.10 ? 356 PRO A C   1 
ATOM   424 O  O   . PRO A 1 61 ? -2.900  -4.871  -2.674  1.00 38.94 ? 356 PRO A O   1 
ATOM   425 C  CB  . PRO A 1 61 ? -3.728  -7.735  -1.759  1.00 36.53 ? 356 PRO A CB  1 
ATOM   426 C  CG  . PRO A 1 61 ? -4.513  -7.512  -0.441  1.00 36.35 ? 356 PRO A CG  1 
ATOM   427 C  CD  . PRO A 1 61 ? -3.861  -6.434  0.323   1.00 37.43 ? 356 PRO A CD  1 
ATOM   428 N  N   . LEU A 1 62 ? -1.455  -6.234  -3.727  1.00 39.67 ? 357 LEU A N   1 
ATOM   429 C  CA  . LEU A 1 62 ? -1.356  -5.381  -4.914  1.00 40.67 ? 357 LEU A CA  1 
ATOM   430 C  C   . LEU A 1 62 ? -2.720  -5.171  -5.572  1.00 40.48 ? 357 LEU A C   1 
ATOM   431 O  O   . LEU A 1 62 ? -3.001  -4.109  -6.120  1.00 40.77 ? 357 LEU A O   1 
ATOM   432 C  CB  . LEU A 1 62 ? -0.421  -6.012  -5.953  1.00 41.89 ? 357 LEU A CB  1 
ATOM   433 C  CG  . LEU A 1 62 ? 0.984   -5.455  -6.078  1.00 44.26 ? 357 LEU A CG  1 
ATOM   434 C  CD1 . LEU A 1 62 ? 1.836   -5.923  -4.886  1.00 47.52 ? 357 LEU A CD1 1 
ATOM   435 C  CD2 . LEU A 1 62 ? 1.593   -5.883  -7.360  1.00 44.62 ? 357 LEU A CD2 1 
ATOM   436 N  N   . SER A 1 63 ? -3.547  -6.210  -5.538  1.00 38.78 ? 358 SER A N   1 
ATOM   437 C  CA  . SER A 1 63 ? -4.833  -6.176  -6.214  1.00 39.02 ? 358 SER A CA  1 
ATOM   438 C  C   . SER A 1 63 ? -5.819  -5.146  -5.623  1.00 38.02 ? 358 SER A C   1 
ATOM   439 O  O   . SER A 1 63 ? -6.826  -4.854  -6.265  1.00 38.12 ? 358 SER A O   1 
ATOM   440 C  CB  . SER A 1 63 ? -5.473  -7.566  -6.171  1.00 38.51 ? 358 SER A CB  1 
ATOM   441 O  OG  . SER A 1 63 ? -5.802  -7.856  -4.818  1.00 38.23 ? 358 SER A OG  1 
ATOM   442 N  N   . TYR A 1 64 ? -5.557  -4.638  -4.412  1.00 37.41 ? 359 TYR A N   1 
ATOM   443 C  CA  . TYR A 1 64 ? -6.421  -3.623  -3.801  1.00 37.45 ? 359 TYR A CA  1 
ATOM   444 C  C   . TYR A 1 64 ? -6.017  -2.179  -4.100  1.00 37.65 ? 359 TYR A C   1 
ATOM   445 O  O   . TYR A 1 64 ? -6.688  -1.229  -3.652  1.00 38.61 ? 359 TYR A O   1 
ATOM   446 C  CB  . TYR A 1 64 ? -6.482  -3.780  -2.279  1.00 37.49 ? 359 TYR A CB  1 
ATOM   447 C  CG  . TYR A 1 64 ? -7.441  -4.844  -1.798  1.00 37.71 ? 359 TYR A CG  1 
ATOM   448 C  CD1 . TYR A 1 64 ? -7.238  -6.174  -2.126  1.00 39.18 ? 359 TYR A CD1 1 
ATOM   449 C  CD2 . TYR A 1 64 ? -8.540  -4.524  -0.978  1.00 38.08 ? 359 TYR A CD2 1 
ATOM   450 C  CE1 . TYR A 1 64 ? -8.098  -7.183  -1.671  1.00 38.74 ? 359 TYR A CE1 1 
ATOM   451 C  CE2 . TYR A 1 64 ? -9.419  -5.535  -0.507  1.00 37.05 ? 359 TYR A CE2 1 
ATOM   452 C  CZ  . TYR A 1 64 ? -9.183  -6.866  -0.869  1.00 37.71 ? 359 TYR A CZ  1 
ATOM   453 O  OH  . TYR A 1 64 ? -9.993  -7.875  -0.442  1.00 37.96 ? 359 TYR A OH  1 
ATOM   454 N  N   . VAL A 1 65 ? -4.951  -1.995  -4.861  1.00 38.00 ? 360 VAL A N   1 
ATOM   455 C  CA  . VAL A 1 65 ? -4.422  -0.636  -5.032  1.00 38.36 ? 360 VAL A CA  1 
ATOM   456 C  C   . VAL A 1 65 ? -4.026  -0.402  -6.484  1.00 37.85 ? 360 VAL A C   1 
ATOM   457 O  O   . VAL A 1 65 ? -3.863  -1.347  -7.280  1.00 37.84 ? 360 VAL A O   1 
ATOM   458 C  CB  . VAL A 1 65 ? -3.171  -0.337  -4.159  1.00 38.79 ? 360 VAL A CB  1 
ATOM   459 C  CG1 . VAL A 1 65 ? -3.417  -0.492  -2.634  1.00 37.08 ? 360 VAL A CG1 1 
ATOM   460 C  CG2 . VAL A 1 65 ? -1.929  -1.140  -4.653  1.00 39.45 ? 360 VAL A CG2 1 
ATOM   461 N  N   . GLN A 1 66 ? -3.879  0.878   -6.817  1.00 38.13 ? 361 GLN A N   1 
ATOM   462 C  CA  . GLN A 1 66 ? -3.374  1.296   -8.113  1.00 37.69 ? 361 GLN A CA  1 
ATOM   463 C  C   . GLN A 1 66 ? -2.164  2.192   -7.876  1.00 37.44 ? 361 GLN A C   1 
ATOM   464 O  O   . GLN A 1 66 ? -2.244  3.186   -7.138  1.00 36.70 ? 361 GLN A O   1 
ATOM   465 C  CB  . GLN A 1 66 ? -4.441  2.066   -8.872  1.00 38.03 ? 361 GLN A CB  1 
ATOM   466 C  CG  . GLN A 1 66 ? -3.963  2.655   -10.182 1.00 39.67 ? 361 GLN A CG  1 
ATOM   467 C  CD  . GLN A 1 66 ? -3.259  1.650   -11.096 1.00 42.16 ? 361 GLN A CD  1 
ATOM   468 O  OE1 . GLN A 1 66 ? -3.798  0.577   -11.369 1.00 40.45 ? 361 GLN A OE1 1 
ATOM   469 N  NE2 . GLN A 1 66 ? -2.053  2.015   -11.595 1.00 41.97 ? 361 GLN A NE2 1 
ATOM   470 N  N   . VAL A 1 67 ? -1.037  1.819   -8.471  1.00 38.13 ? 362 VAL A N   1 
ATOM   471 C  CA  . VAL A 1 67 ? 0.195   2.580   -8.252  1.00 38.12 ? 362 VAL A CA  1 
ATOM   472 C  C   . VAL A 1 67 ? 0.059   3.993   -8.849  1.00 38.35 ? 362 VAL A C   1 
ATOM   473 O  O   . VAL A 1 67 ? -0.542  4.174   -9.913  1.00 36.98 ? 362 VAL A O   1 
ATOM   474 C  CB  . VAL A 1 67 ? 1.413   1.811   -8.830  1.00 38.63 ? 362 VAL A CB  1 
ATOM   475 C  CG1 . VAL A 1 67 ? 2.678   2.660   -8.839  1.00 41.29 ? 362 VAL A CG1 1 
ATOM   476 C  CG2 . VAL A 1 67 ? 1.642   0.571   -8.003  1.00 40.53 ? 362 VAL A CG2 1 
ATOM   477 N  N   . LEU A 1 68 ? 0.586   4.979   -8.116  1.00 38.01 ? 363 LEU A N   1 
ATOM   478 C  CA  . LEU A 1 68 ? 0.729   6.354   -8.588  1.00 38.87 ? 363 LEU A CA  1 
ATOM   479 C  C   . LEU A 1 68 ? 2.188   6.605   -8.968  1.00 38.79 ? 363 LEU A C   1 
ATOM   480 O  O   . LEU A 1 68 ? 2.503   7.017   -10.086 1.00 37.80 ? 363 LEU A O   1 
ATOM   481 C  CB  . LEU A 1 68 ? 0.352   7.343   -7.478  1.00 39.16 ? 363 LEU A CB  1 
ATOM   482 C  CG  . LEU A 1 68 ? -1.103  7.335   -6.994  1.00 43.28 ? 363 LEU A CG  1 
ATOM   483 C  CD1 . LEU A 1 68 ? -1.274  8.249   -5.785  1.00 44.88 ? 363 LEU A CD1 1 
ATOM   484 C  CD2 . LEU A 1 68 ? -2.098  7.709   -8.083  1.00 46.16 ? 363 LEU A CD2 1 
ATOM   485 N  N   . VAL A 1 69 ? 3.069   6.379   -7.999  1.00 38.64 ? 364 VAL A N   1 
ATOM   486 C  CA  . VAL A 1 69 ? 4.500   6.507   -8.218  1.00 38.51 ? 364 VAL A CA  1 
ATOM   487 C  C   . VAL A 1 69 ? 5.101   5.130   -7.879  1.00 38.72 ? 364 VAL A C   1 
ATOM   488 O  O   . VAL A 1 69 ? 4.973   4.660   -6.746  1.00 37.13 ? 364 VAL A O   1 
ATOM   489 C  CB  . VAL A 1 69 ? 5.132   7.623   -7.355  1.00 38.79 ? 364 VAL A CB  1 
ATOM   490 C  CG1 . VAL A 1 69 ? 6.646   7.657   -7.566  1.00 37.35 ? 364 VAL A CG1 1 
ATOM   491 C  CG2 . VAL A 1 69 ? 4.541   8.978   -7.740  1.00 38.49 ? 364 VAL A CG2 1 
ATOM   492 N  N   . PRO A 1 70 ? 5.717   4.467   -8.885  1.00 38.67 ? 365 PRO A N   1 
ATOM   493 C  CA  . PRO A 1 70 ? 6.222   3.139   -8.654  1.00 39.36 ? 365 PRO A CA  1 
ATOM   494 C  C   . PRO A 1 70 ? 7.492   3.129   -7.806  1.00 39.04 ? 365 PRO A C   1 
ATOM   495 O  O   . PRO A 1 70 ? 8.309   4.059   -7.875  1.00 39.44 ? 365 PRO A O   1 
ATOM   496 C  CB  . PRO A 1 70 ? 6.578   2.658   -10.064 1.00 38.93 ? 365 PRO A CB  1 
ATOM   497 C  CG  . PRO A 1 70 ? 7.039   3.890   -10.739 1.00 40.41 ? 365 PRO A CG  1 
ATOM   498 C  CD  . PRO A 1 70 ? 6.021   4.931   -10.247 1.00 40.41 ? 365 PRO A CD  1 
ATOM   499 N  N   . LEU A 1 71 ? 7.659   2.037   -7.067  1.00 40.11 ? 366 LEU A N   1 
ATOM   500 C  CA  . LEU A 1 71 ? 8.951   1.694   -6.480  1.00 39.93 ? 366 LEU A CA  1 
ATOM   501 C  C   . LEU A 1 71 ? 9.976   1.462   -7.568  1.00 39.78 ? 366 LEU A C   1 
ATOM   502 O  O   . LEU A 1 71 ? 9.615   1.107   -8.700  1.00 39.78 ? 366 LEU A O   1 
ATOM   503 C  CB  . LEU A 1 71 ? 8.849   0.428   -5.622  1.00 39.52 ? 366 LEU A CB  1 
ATOM   504 C  CG  . LEU A 1 71 ? 8.070   0.614   -4.308  1.00 40.68 ? 366 LEU A CG  1 
ATOM   505 C  CD1 . LEU A 1 71 ? 7.493   -0.708  -3.807  1.00 42.08 ? 366 LEU A CD1 1 
ATOM   506 C  CD2 . LEU A 1 71 ? 8.926   1.316   -3.242  1.00 38.83 ? 366 LEU A CD2 1 
ATOM   507 N  N   . PRO A 1 72 ? 11.266  1.636   -7.232  1.00 39.96 ? 367 PRO A N   1 
ATOM   508 C  CA  . PRO A 1 72 ? 12.285  1.232   -8.218  1.00 41.03 ? 367 PRO A CA  1 
ATOM   509 C  C   . PRO A 1 72 ? 12.167  -0.257  -8.495  1.00 42.93 ? 367 PRO A C   1 
ATOM   510 O  O   . PRO A 1 72 ? 11.838  -1.039  -7.609  1.00 42.25 ? 367 PRO A O   1 
ATOM   511 C  CB  . PRO A 1 72 ? 13.630  1.562   -7.558  1.00 40.68 ? 367 PRO A CB  1 
ATOM   512 C  CG  . PRO A 1 72 ? 13.321  2.175   -6.223  1.00 40.02 ? 367 PRO A CG  1 
ATOM   513 C  CD  . PRO A 1 72 ? 11.829  2.188   -5.982  1.00 39.03 ? 367 PRO A CD  1 
ATOM   514 N  N   . GLN A 1 73 ? 12.396  -0.638  -9.739  1.00 45.27 ? 368 GLN A N   1 
ATOM   515 C  CA  . GLN A 1 73 ? 12.226  -2.027  -10.145 1.00 48.12 ? 368 GLN A CA  1 
ATOM   516 C  C   . GLN A 1 73 ? 13.581  -2.715  -10.141 1.00 48.82 ? 368 GLN A C   1 
ATOM   517 O  O   . GLN A 1 73 ? 14.614  -2.079  -9.912  1.00 49.68 ? 368 GLN A O   1 
ATOM   518 C  CB  . GLN A 1 73 ? 11.572  -2.079  -11.532 1.00 48.48 ? 368 GLN A CB  1 
ATOM   519 C  CG  . GLN A 1 73 ? 11.183  -3.469  -12.021 1.00 52.58 ? 368 GLN A CG  1 
ATOM   520 C  CD  . GLN A 1 73 ? 9.936   -3.987  -11.339 1.00 56.80 ? 368 GLN A CD  1 
ATOM   521 O  OE1 . GLN A 1 73 ? 9.135   -3.210  -10.812 1.00 58.70 ? 368 GLN A OE1 1 
ATOM   522 N  NE2 . GLN A 1 73 ? 9.753   -5.309  -11.362 1.00 58.45 ? 368 GLN A NE2 1 
ATOM   523 O  OXT . GLN A 1 73 ? 13.694  -3.920  -10.373 1.00 49.75 ? 368 GLN A OXT 1 
HETATM 524 O  O   . HOH B 2 .  ? 2.025   7.709   -12.597 1.00 24.42 ? 1   HOH A O   1 
HETATM 525 O  O   . HOH B 2 .  ? 11.187  8.316   -1.942  1.00 28.37 ? 2   HOH A O   1 
HETATM 526 O  O   . HOH B 2 .  ? -9.266  4.774   -5.791  1.00 29.55 ? 3   HOH A O   1 
HETATM 527 O  O   . HOH B 2 .  ? 11.248  11.134  -2.225  1.00 29.63 ? 4   HOH A O   1 
HETATM 528 O  O   . HOH B 2 .  ? -12.059 -6.836  1.106   1.00 29.83 ? 5   HOH A O   1 
HETATM 529 O  O   . HOH B 2 .  ? -13.160 -4.666  0.122   1.00 30.70 ? 6   HOH A O   1 
HETATM 530 O  O   . HOH B 2 .  ? -7.642  5.704   6.330   1.00 31.23 ? 7   HOH A O   1 
HETATM 531 O  O   . HOH B 2 .  ? -10.922 -6.472  3.707   1.00 31.63 ? 8   HOH A O   1 
HETATM 532 O  O   . HOH B 2 .  ? 10.636  7.945   -7.377  1.00 33.28 ? 9   HOH A O   1 
HETATM 533 O  O   . HOH B 2 .  ? 0.315   8.094   2.951   1.00 33.21 ? 10  HOH A O   1 
HETATM 534 O  O   . HOH B 2 .  ? -1.995  -9.626  -7.266  1.00 34.17 ? 11  HOH A O   1 
HETATM 535 O  O   . HOH B 2 .  ? -0.916  -0.794  -9.724  1.00 34.85 ? 12  HOH A O   1 
HETATM 536 O  O   . HOH B 2 .  ? -5.339  9.622   1.697   1.00 35.43 ? 13  HOH A O   1 
HETATM 537 O  O   . HOH B 2 .  ? -14.622 -0.957  -1.028  1.00 35.33 ? 14  HOH A O   1 
HETATM 538 O  O   . HOH B 2 .  ? 5.776   -0.217  -7.529  1.00 35.49 ? 15  HOH A O   1 
HETATM 539 O  O   . HOH B 2 .  ? 11.808  0.734   2.143   1.00 37.13 ? 16  HOH A O   1 
HETATM 540 O  O   . HOH B 2 .  ? -13.467 5.849   1.455   1.00 37.09 ? 17  HOH A O   1 
HETATM 541 O  O   . HOH B 2 .  ? -10.363 7.426   4.577   1.00 37.40 ? 18  HOH A O   1 
HETATM 542 O  O   . HOH B 2 .  ? -14.725 3.501   2.070   1.00 37.41 ? 19  HOH A O   1 
HETATM 543 O  O   . HOH B 2 .  ? -3.405  3.958   9.408   1.00 37.75 ? 20  HOH A O   1 
HETATM 544 O  O   . HOH B 2 .  ? -12.384 1.299   -7.128  1.00 38.00 ? 21  HOH A O   1 
HETATM 545 O  O   . HOH B 2 .  ? -2.746  9.877   2.522   1.00 38.14 ? 22  HOH A O   1 
HETATM 546 O  O   . HOH B 2 .  ? 10.805  5.097   -7.426  1.00 37.90 ? 23  HOH A O   1 
HETATM 547 O  O   . HOH B 2 .  ? 5.102   2.537   11.369  1.00 37.97 ? 24  HOH A O   1 
HETATM 548 O  O   . HOH B 2 .  ? 3.469   12.092  -6.530  1.00 38.34 ? 25  HOH A O   1 
HETATM 549 O  O   . HOH B 2 .  ? -1.425  -2.780  -7.879  1.00 38.80 ? 26  HOH A O   1 
HETATM 550 O  O   . HOH B 2 .  ? 2.000   10.361  -5.046  1.00 39.70 ? 27  HOH A O   1 
HETATM 551 O  O   . HOH B 2 .  ? -9.714  0.974   -11.216 1.00 39.81 ? 28  HOH A O   1 
HETATM 552 O  O   . HOH B 2 .  ? 7.805   -2.610  -7.290  1.00 39.86 ? 29  HOH A O   1 
HETATM 553 O  O   . HOH B 2 .  ? 1.916   -14.126 -3.149  1.00 40.11 ? 30  HOH A O   1 
HETATM 554 O  O   . HOH B 2 .  ? -15.085 -4.476  2.289   1.00 40.01 ? 31  HOH A O   1 
HETATM 555 O  O   . HOH B 2 .  ? -7.356  3.586   7.894   1.00 40.54 ? 32  HOH A O   1 
HETATM 556 O  O   . HOH B 2 .  ? 6.432   -0.173  5.582   1.00 41.60 ? 33  HOH A O   1 
HETATM 557 O  O   . HOH B 2 .  ? 12.326  14.284  -3.824  1.00 41.18 ? 34  HOH A O   1 
HETATM 558 O  O   . HOH B 2 .  ? 10.101  2.221   -11.180 1.00 41.56 ? 35  HOH A O   1 
HETATM 559 O  O   . HOH B 2 .  ? -4.799  -3.023  -9.326  1.00 42.36 ? 36  HOH A O   1 
HETATM 560 O  O   . HOH B 2 .  ? -11.797 -0.156  -9.206  1.00 43.20 ? 37  HOH A O   1 
HETATM 561 O  O   . HOH B 2 .  ? -12.825 7.395   3.700   1.00 43.31 ? 38  HOH A O   1 
HETATM 562 O  O   . HOH B 2 .  ? -8.561  -1.207  -11.500 1.00 43.94 ? 39  HOH A O   1 
HETATM 563 O  O   . HOH B 2 .  ? -6.677  8.833   4.554   1.00 43.92 ? 40  HOH A O   1 
HETATM 564 O  O   . HOH B 2 .  ? -3.303  -4.014  11.330  1.00 43.94 ? 41  HOH A O   1 
HETATM 565 O  O   . HOH B 2 .  ? 2.313   -8.221  -9.925  1.00 44.23 ? 42  HOH A O   1 
HETATM 566 O  O   . HOH B 2 .  ? 2.505   0.203   12.353  1.00 45.15 ? 43  HOH A O   1 
HETATM 567 O  O   . HOH B 2 .  ? -4.928  2.170   8.438   1.00 44.97 ? 44  HOH A O   1 
HETATM 568 O  O   . HOH B 2 .  ? 1.707   -15.606 -7.406  1.00 44.74 ? 45  HOH A O   1 
HETATM 569 O  O   . HOH B 2 .  ? 1.076   -2.385  -8.680  1.00 45.27 ? 46  HOH A O   1 
HETATM 570 O  O   . HOH B 2 .  ? -5.745  -1.344  -11.307 1.00 45.82 ? 47  HOH A O   1 
HETATM 571 O  O   . HOH B 2 .  ? -4.292  4.973   11.755  1.00 45.96 ? 48  HOH A O   1 
HETATM 572 O  O   . HOH B 2 .  ? 10.649  -2.960  -3.656  1.00 46.20 ? 49  HOH A O   1 
HETATM 573 O  O   . HOH B 2 .  ? -11.914 -8.895  7.678   1.00 47.31 ? 50  HOH A O   1 
HETATM 574 O  O   . HOH B 2 .  ? 11.671  -0.650  -1.678  1.00 47.62 ? 51  HOH A O   1 
HETATM 575 O  O   . HOH B 2 .  ? 2.579   -4.170  10.640  1.00 47.33 ? 52  HOH A O   1 
HETATM 576 O  O   . HOH B 2 .  ? -3.973  -1.110  9.981   1.00 47.33 ? 53  HOH A O   1 
HETATM 577 O  O   . HOH B 2 .  ? 3.915   -5.887  9.067   1.00 47.16 ? 54  HOH A O   1 
HETATM 578 O  O   . HOH B 2 .  ? 1.203   10.604  2.248   1.00 47.36 ? 55  HOH A O   1 
HETATM 579 O  O   . HOH B 2 .  ? 8.462   -1.274  -9.549  1.00 48.07 ? 56  HOH A O   1 
HETATM 580 O  O   . HOH B 2 .  ? -14.506 0.224   -3.917  1.00 48.99 ? 57  HOH A O   1 
HETATM 581 O  O   . HOH B 2 .  ? -0.585  -1.690  10.518  1.00 48.61 ? 58  HOH A O   1 
HETATM 582 O  O   . HOH B 2 .  ? -4.849  -5.957  12.850  1.00 49.94 ? 59  HOH A O   1 
HETATM 583 O  O   . HOH B 2 .  ? 4.207   -6.558  -9.814  1.00 50.02 ? 60  HOH A O   1 
HETATM 584 O  O   . HOH B 2 .  ? -15.958 -1.512  -5.355  1.00 51.08 ? 61  HOH A O   1 
HETATM 585 O  O   . HOH B 2 .  ? -9.097  -3.411  -10.233 1.00 50.45 ? 62  HOH A O   1 
HETATM 586 O  O   . HOH B 2 .  ? 12.575  4.662   -9.353  1.00 51.92 ? 63  HOH A O   1 
HETATM 587 O  O   . HOH B 2 .  ? -9.446  -0.729  7.573   1.00 52.47 ? 64  HOH A O   1 
HETATM 588 O  O   . HOH B 2 .  ? 5.362   -3.669  8.365   1.00 52.53 ? 65  HOH A O   1 
HETATM 589 O  O   . HOH B 2 .  ? -6.232  -10.156 4.220   1.00 53.55 ? 66  HOH A O   1 
HETATM 590 O  O   . HOH B 2 .  ? 13.522  -1.474  2.342   1.00 53.41 ? 67  HOH A O   1 
HETATM 591 O  O   . HOH B 2 .  ? -7.796  10.523  6.144   1.00 53.80 ? 68  HOH A O   1 
HETATM 592 O  O   . HOH B 2 .  ? 3.252   9.114   -0.193  1.00 54.62 ? 69  HOH A O   1 
HETATM 593 O  O   . HOH B 2 .  ? -1.741  14.524  10.751  1.00 55.33 ? 70  HOH A O   1 
HETATM 594 O  O   . HOH B 2 .  ? 13.888  2.528   -11.432 1.00 56.68 ? 71  HOH A O   1 
HETATM 595 O  O   . HOH B 2 .  ? 3.223   -14.440 -9.391  1.00 56.80 ? 72  HOH A O   1 
HETATM 596 O  O   . HOH B 2 .  ? -17.552 -0.108  -7.075  1.00 59.39 ? 73  HOH A O   1 
HETATM 597 O  O   . HOH B 2 .  ? 10.193  -6.011  4.804   1.00 59.28 ? 74  HOH A O   1 
HETATM 598 O  O   . HOH B 2 .  ? 10.408  -2.773  3.908   1.00 59.46 ? 75  HOH A O   1 
HETATM 599 O  O   . HOH B 2 .  ? -15.486 4.296   5.043   1.00 61.16 ? 76  HOH A O   1 
HETATM 600 O  O   . HOH B 2 .  ? 13.411  -5.501  -1.713  1.00 65.12 ? 77  HOH A O   1 
HETATM 601 O  O   . HOH B 2 .  ? -17.321 3.940   3.238   1.00 68.97 ? 78  HOH A O   1 
HETATM 602 O  O   A HOH B 2 .  ? 9.555   -0.313  5.587   0.50 50.76 ? 79  HOH A O   1 
HETATM 603 O  O   A HOH B 2 .  ? -3.088  11.406  11.022  0.50 41.28 ? 80  HOH A O   1 
HETATM 604 O  O   B HOH B 2 .  ? 13.001  8.763   -8.432  0.50 34.51 ? 80  HOH A O   1 
HETATM 605 O  O   A HOH B 2 .  ? -10.083 7.850   1.082   0.50 21.90 ? 81  HOH A O   1 
HETATM 606 O  O   B HOH B 2 .  ? -10.553 9.877   0.417   0.50 29.44 ? 81  HOH A O   1 
# 
